data_6T80
#
_entry.id   6T80
#
_cell.length_a   75.260
_cell.length_b   74.100
_cell.length_c   102.090
_cell.angle_alpha   90.000
_cell.angle_beta   96.030
_cell.angle_gamma   90.000
#
_symmetry.space_group_name_H-M   'P 1 21 1'
#
loop_
_entity.id
_entity.type
_entity.pdbx_description
1 polymer '14-3-3 protein sigma'
2 polymer 'AANAT peptide'
3 water water
#
loop_
_entity_poly.entity_id
_entity_poly.type
_entity_poly.pdbx_seq_one_letter_code
_entity_poly.pdbx_strand_id
1 'polypeptide(L)'
;GPHMERASLIQKAKLAEQAERYEDMAAFMKGAVEKGEELSCEERNLLSVAYKNVVGGQRAAWRVLSSIEQKSNEEGSAAA
GPEVREYREKVETELQGVCDTVLGLLDSHLIKEAGDAESRVFYLKMKGDYYRYLAEVATGDDKKRIIDSARSAYQEAMDI
SKKEMPPTNPIRLGLALNFSVFHYEIANSPEEAISLAKTTFDEAMADLHTLSEDSYKDSTLIMQLLRDNLTLWTGSGSL
;
A,B,C,D
2 'polypeptide(L)' GSGSLRRN(SEP)GCG E,F,G,H
#
# COMPACT_ATOMS: atom_id res chain seq x y z
N PRO A 2 11.49 -8.89 -14.24
CA PRO A 2 12.38 -8.83 -13.07
C PRO A 2 13.56 -7.89 -13.34
N HIS A 3 14.67 -8.42 -13.93
CA HIS A 3 15.92 -7.79 -14.41
C HIS A 3 16.70 -6.98 -13.36
N MET A 4 17.08 -7.71 -12.31
CA MET A 4 17.88 -7.21 -11.22
C MET A 4 19.23 -7.95 -11.16
N GLU A 5 19.77 -8.30 -12.36
CA GLU A 5 21.10 -8.85 -12.58
C GLU A 5 22.05 -7.65 -12.48
N ARG A 6 23.34 -7.87 -12.26
CA ARG A 6 24.32 -6.77 -12.06
C ARG A 6 24.28 -5.70 -13.13
N ALA A 7 24.48 -6.06 -14.40
CA ALA A 7 24.53 -5.17 -15.54
C ALA A 7 23.31 -4.28 -15.61
N SER A 8 22.12 -4.88 -15.38
CA SER A 8 20.81 -4.22 -15.31
C SER A 8 20.75 -3.23 -14.14
N LEU A 9 21.30 -3.57 -12.95
CA LEU A 9 21.39 -2.69 -11.77
C LEU A 9 22.25 -1.45 -12.05
N ILE A 10 23.38 -1.66 -12.76
CA ILE A 10 24.31 -0.60 -13.18
C ILE A 10 23.63 0.25 -14.25
N GLN A 11 22.90 -0.41 -15.18
CA GLN A 11 22.16 0.28 -16.21
C GLN A 11 21.12 1.20 -15.59
N LYS A 12 20.38 0.69 -14.59
CA LYS A 12 19.34 1.41 -13.85
C LYS A 12 19.91 2.52 -12.97
N ALA A 13 21.13 2.34 -12.45
CA ALA A 13 21.79 3.37 -11.64
C ALA A 13 22.19 4.55 -12.54
N LYS A 14 22.61 4.28 -13.79
CA LYS A 14 22.99 5.29 -14.80
C LYS A 14 21.74 6.06 -15.22
N LEU A 15 20.62 5.32 -15.38
CA LEU A 15 19.31 5.85 -15.75
C LEU A 15 18.76 6.71 -14.60
N ALA A 16 18.93 6.25 -13.33
CA ALA A 16 18.46 7.00 -12.16
C ALA A 16 19.22 8.29 -12.04
N GLU A 17 20.52 8.28 -12.42
CA GLU A 17 21.37 9.47 -12.39
C GLU A 17 20.81 10.51 -13.38
N GLN A 18 20.51 10.05 -14.63
CA GLN A 18 19.98 10.90 -15.67
C GLN A 18 18.68 11.54 -15.23
N ALA A 19 17.86 10.77 -14.49
CA ALA A 19 16.54 11.17 -14.00
C ALA A 19 16.62 11.92 -12.68
N GLU A 20 17.84 12.15 -12.18
CA GLU A 20 18.09 12.89 -10.93
C GLU A 20 17.40 12.26 -9.72
N ARG A 21 17.36 10.91 -9.72
CA ARG A 21 16.74 10.09 -8.69
C ARG A 21 17.87 9.39 -8.01
N TYR A 22 18.57 10.15 -7.14
CA TYR A 22 19.79 9.69 -6.46
C TYR A 22 19.51 8.71 -5.32
N GLU A 23 18.31 8.78 -4.70
CA GLU A 23 17.89 7.82 -3.68
C GLU A 23 17.84 6.44 -4.34
N ASP A 24 17.19 6.36 -5.53
CA ASP A 24 17.05 5.15 -6.35
C ASP A 24 18.41 4.68 -6.86
N MET A 25 19.25 5.61 -7.32
CA MET A 25 20.58 5.35 -7.86
C MET A 25 21.47 4.70 -6.82
N ALA A 26 21.42 5.19 -5.58
CA ALA A 26 22.18 4.67 -4.47
C ALA A 26 21.71 3.23 -4.19
N ALA A 27 20.38 2.99 -4.21
CA ALA A 27 19.78 1.68 -3.97
C ALA A 27 20.28 0.68 -4.97
N PHE A 28 20.32 1.06 -6.28
CA PHE A 28 20.78 0.20 -7.38
C PHE A 28 22.22 -0.08 -7.21
N MET A 29 23.01 0.96 -6.83
CA MET A 29 24.45 0.81 -6.64
C MET A 29 24.78 -0.09 -5.46
N LYS A 30 24.00 0.01 -4.36
CA LYS A 30 24.15 -0.83 -3.18
C LYS A 30 23.91 -2.29 -3.60
N GLY A 31 22.86 -2.52 -4.38
CA GLY A 31 22.51 -3.84 -4.89
C GLY A 31 23.55 -4.42 -5.83
N ALA A 32 24.23 -3.53 -6.62
CA ALA A 32 25.26 -3.90 -7.57
C ALA A 32 26.53 -4.26 -6.82
N VAL A 33 26.86 -3.50 -5.76
CA VAL A 33 28.01 -3.76 -4.89
C VAL A 33 27.81 -5.14 -4.25
N GLU A 34 26.58 -5.39 -3.74
CA GLU A 34 26.21 -6.62 -3.04
C GLU A 34 26.29 -7.86 -3.90
N LYS A 35 26.51 -7.71 -5.24
CA LYS A 35 26.67 -8.85 -6.16
C LYS A 35 28.06 -9.44 -6.01
N GLY A 36 28.97 -8.68 -5.36
CA GLY A 36 30.31 -9.11 -5.02
C GLY A 36 31.43 -8.82 -6.00
N GLU A 37 31.09 -8.22 -7.17
CA GLU A 37 32.11 -7.92 -8.17
C GLU A 37 32.73 -6.61 -7.86
N GLU A 38 34.00 -6.42 -8.29
CA GLU A 38 34.73 -5.17 -8.03
C GLU A 38 34.08 -4.04 -8.88
N LEU A 39 34.04 -2.83 -8.36
CA LEU A 39 33.52 -1.75 -9.17
C LEU A 39 34.62 -1.21 -10.08
N SER A 40 34.30 -0.92 -11.34
CA SER A 40 35.19 -0.27 -12.30
C SER A 40 35.26 1.20 -11.87
N CYS A 41 36.19 1.97 -12.44
CA CYS A 41 36.28 3.39 -12.08
C CYS A 41 34.95 4.14 -12.31
N GLU A 42 34.29 3.85 -13.44
CA GLU A 42 33.00 4.42 -13.82
C GLU A 42 31.94 4.06 -12.76
N GLU A 43 31.92 2.77 -12.36
CA GLU A 43 30.99 2.18 -11.41
C GLU A 43 31.15 2.79 -10.04
N ARG A 44 32.44 2.97 -9.59
CA ARG A 44 32.82 3.58 -8.32
C ARG A 44 32.17 4.96 -8.21
N ASN A 45 32.32 5.78 -9.29
CA ASN A 45 31.80 7.13 -9.36
C ASN A 45 30.29 7.11 -9.27
N LEU A 46 29.61 6.11 -9.89
CA LEU A 46 28.15 6.05 -9.81
C LEU A 46 27.76 5.89 -8.36
N LEU A 47 28.41 4.99 -7.62
CA LEU A 47 28.15 4.76 -6.20
C LEU A 47 28.38 6.05 -5.37
N SER A 48 29.57 6.67 -5.55
CA SER A 48 29.96 7.91 -4.87
C SER A 48 28.98 9.07 -5.13
N VAL A 49 28.64 9.34 -6.42
CA VAL A 49 27.72 10.41 -6.86
C VAL A 49 26.35 10.22 -6.19
N ALA A 50 25.83 8.98 -6.25
CA ALA A 50 24.54 8.57 -5.71
C ALA A 50 24.43 8.94 -4.23
N TYR A 51 25.33 8.38 -3.41
CA TYR A 51 25.32 8.64 -1.98
C TYR A 51 25.71 10.07 -1.63
N LYS A 52 26.68 10.68 -2.38
CA LYS A 52 27.05 12.07 -2.16
C LYS A 52 25.81 12.96 -2.26
N ASN A 53 24.96 12.73 -3.28
CA ASN A 53 23.74 13.49 -3.48
C ASN A 53 22.72 13.25 -2.39
N VAL A 54 22.53 11.96 -2.03
CA VAL A 54 21.58 11.57 -0.98
C VAL A 54 21.91 12.29 0.34
N VAL A 55 23.16 12.07 0.85
CA VAL A 55 23.63 12.68 2.10
C VAL A 55 23.71 14.18 1.98
N GLY A 56 24.06 14.63 0.79
CA GLY A 56 24.18 16.05 0.47
C GLY A 56 22.92 16.82 0.85
N GLY A 57 21.77 16.28 0.40
CA GLY A 57 20.46 16.84 0.69
C GLY A 57 20.08 16.77 2.15
N GLN A 58 20.40 15.65 2.79
CA GLN A 58 20.14 15.41 4.22
C GLN A 58 20.95 16.35 5.12
N ARG A 59 22.26 16.46 4.85
CA ARG A 59 23.19 17.36 5.55
C ARG A 59 22.71 18.80 5.42
N ALA A 60 22.34 19.20 4.18
CA ALA A 60 21.84 20.52 3.83
C ALA A 60 20.64 20.89 4.69
N ALA A 61 19.70 19.93 4.80
CA ALA A 61 18.46 20.03 5.56
C ALA A 61 18.76 20.13 7.05
N TRP A 62 19.69 19.26 7.53
CA TRP A 62 20.10 19.20 8.93
C TRP A 62 20.74 20.50 9.37
N ARG A 63 21.57 21.10 8.50
CA ARG A 63 22.22 22.39 8.77
C ARG A 63 21.15 23.49 8.93
N VAL A 64 20.14 23.48 8.02
CA VAL A 64 19.02 24.44 8.05
C VAL A 64 18.29 24.35 9.40
N LEU A 65 17.93 23.12 9.81
CA LEU A 65 17.18 22.87 11.05
C LEU A 65 17.99 23.18 12.28
N SER A 66 19.28 22.75 12.31
CA SER A 66 20.15 23.02 13.46
C SER A 66 20.37 24.53 13.63
N SER A 67 20.52 25.30 12.55
CA SER A 67 20.73 26.76 12.71
C SER A 67 19.48 27.38 13.35
N ILE A 68 18.33 26.91 12.91
CA ILE A 68 17.03 27.40 13.45
C ILE A 68 16.96 27.03 14.93
N GLU A 69 17.40 25.83 15.27
CA GLU A 69 17.40 25.33 16.66
C GLU A 69 18.33 26.19 17.51
N GLN A 70 19.47 26.60 16.94
CA GLN A 70 20.43 27.46 17.68
C GLN A 70 19.73 28.78 18.01
N LYS A 71 19.04 29.32 17.01
CA LYS A 71 18.30 30.58 17.24
C LYS A 71 17.25 30.35 18.34
N SER A 72 16.53 29.24 18.26
CA SER A 72 15.47 28.97 19.25
C SER A 72 16.05 28.87 20.66
N ASN A 73 17.22 28.27 20.82
CA ASN A 73 17.72 28.10 22.22
C ASN A 73 18.60 29.24 22.71
N GLU A 74 18.83 30.33 21.95
CA GLU A 74 19.67 31.43 22.55
C GLU A 74 18.96 32.24 23.67
N GLU A 75 19.75 33.00 24.48
CA GLU A 75 19.40 33.83 25.63
C GLU A 75 18.45 34.93 25.24
N GLY A 76 17.23 34.87 25.76
CA GLY A 76 16.20 35.87 25.49
C GLY A 76 15.35 35.67 24.24
N SER A 77 15.22 34.41 23.75
CA SER A 77 14.36 34.14 22.58
C SER A 77 13.00 33.62 23.04
N ALA A 78 12.15 33.15 22.10
CA ALA A 78 10.81 32.66 22.39
C ALA A 78 10.77 31.14 22.71
N ALA A 79 9.56 30.62 23.07
CA ALA A 79 9.31 29.21 23.40
C ALA A 79 9.42 28.35 22.14
N PRO A 82 9.59 22.64 20.37
CA PRO A 82 10.18 21.27 20.43
C PRO A 82 10.24 20.62 19.08
N GLU A 83 9.38 21.10 18.16
CA GLU A 83 9.23 20.63 16.78
C GLU A 83 10.53 20.70 16.01
N VAL A 84 11.29 21.80 16.20
CA VAL A 84 12.58 22.02 15.56
C VAL A 84 13.50 20.90 15.96
N ARG A 85 13.62 20.63 17.28
CA ARG A 85 14.49 19.59 17.82
C ARG A 85 14.04 18.23 17.31
N GLU A 86 12.75 17.91 17.46
CA GLU A 86 12.18 16.66 17.03
C GLU A 86 12.45 16.35 15.58
N TYR A 87 12.15 17.33 14.68
CA TYR A 87 12.36 17.19 13.23
C TYR A 87 13.85 17.17 12.84
N ARG A 88 14.70 17.96 13.53
CA ARG A 88 16.15 17.93 13.31
C ARG A 88 16.67 16.52 13.68
N GLU A 89 16.10 15.89 14.75
CA GLU A 89 16.42 14.53 15.19
C GLU A 89 16.00 13.51 14.15
N LYS A 90 14.82 13.71 13.48
CA LYS A 90 14.30 12.82 12.43
C LYS A 90 15.30 12.76 11.27
N VAL A 91 15.68 13.96 10.76
CA VAL A 91 16.62 14.16 9.66
C VAL A 91 17.99 13.58 10.04
N GLU A 92 18.43 13.85 11.28
CA GLU A 92 19.70 13.37 11.82
C GLU A 92 19.75 11.84 11.77
N THR A 93 18.73 11.16 12.33
CA THR A 93 18.62 9.70 12.36
C THR A 93 18.67 9.13 10.95
N GLU A 94 17.93 9.77 10.03
CA GLU A 94 17.84 9.40 8.61
C GLU A 94 19.17 9.49 7.92
N LEU A 95 19.88 10.62 8.11
CA LEU A 95 21.22 10.93 7.61
C LEU A 95 22.22 9.90 8.15
N GLN A 96 22.18 9.64 9.48
CA GLN A 96 23.05 8.71 10.17
C GLN A 96 22.87 7.31 9.59
N GLY A 97 21.62 6.93 9.27
CA GLY A 97 21.28 5.65 8.67
C GLY A 97 21.96 5.44 7.32
N VAL A 98 22.00 6.52 6.48
CA VAL A 98 22.65 6.51 5.16
C VAL A 98 24.15 6.32 5.29
N CYS A 99 24.80 7.12 6.17
CA CYS A 99 26.23 7.00 6.43
C CYS A 99 26.55 5.59 6.87
N ASP A 100 25.80 5.08 7.85
CA ASP A 100 25.96 3.74 8.36
C ASP A 100 25.86 2.68 7.23
N THR A 101 24.98 2.91 6.22
CA THR A 101 24.80 2.05 5.04
C THR A 101 26.06 2.06 4.17
N VAL A 102 26.54 3.28 3.80
CA VAL A 102 27.73 3.48 2.99
C VAL A 102 28.93 2.85 3.65
N LEU A 103 29.11 3.11 4.95
CA LEU A 103 30.22 2.60 5.73
C LEU A 103 30.16 1.08 5.85
N GLY A 104 28.94 0.55 5.95
CA GLY A 104 28.67 -0.88 5.97
C GLY A 104 29.17 -1.49 4.69
N LEU A 105 28.81 -0.92 3.51
CA LEU A 105 29.23 -1.39 2.19
C LEU A 105 30.76 -1.36 2.04
N LEU A 106 31.37 -0.23 2.44
CA LEU A 106 32.80 -0.07 2.40
C LEU A 106 33.53 -1.14 3.20
N ASP A 107 33.07 -1.43 4.42
CA ASP A 107 33.75 -2.42 5.26
C ASP A 107 33.43 -3.90 4.87
N SER A 108 32.20 -4.17 4.38
CA SER A 108 31.79 -5.53 3.98
C SER A 108 32.29 -5.98 2.58
N HIS A 109 32.37 -5.02 1.63
CA HIS A 109 32.64 -5.34 0.23
C HIS A 109 33.65 -4.49 -0.49
N LEU A 110 33.67 -3.19 -0.23
CA LEU A 110 34.51 -2.32 -1.04
C LEU A 110 35.93 -2.26 -0.59
N ILE A 111 36.19 -2.03 0.69
CA ILE A 111 37.57 -2.03 1.21
C ILE A 111 38.07 -3.46 1.21
N LYS A 112 39.04 -3.69 0.31
CA LYS A 112 39.71 -4.94 0.01
C LYS A 112 41.23 -4.63 0.07
N GLU A 113 41.99 -5.36 0.94
CA GLU A 113 43.46 -5.23 1.11
C GLU A 113 44.11 -5.45 -0.23
N ALA A 114 43.45 -6.34 -1.00
CA ALA A 114 43.74 -6.86 -2.34
C ALA A 114 43.58 -5.86 -3.49
N GLY A 115 42.77 -4.81 -3.30
CA GLY A 115 42.49 -3.78 -4.31
C GLY A 115 43.68 -2.96 -4.75
N ASP A 116 43.56 -2.33 -5.93
CA ASP A 116 44.62 -1.46 -6.43
C ASP A 116 44.68 -0.14 -5.67
N ALA A 117 45.79 0.59 -5.79
CA ALA A 117 46.01 1.85 -5.07
C ALA A 117 44.91 2.92 -5.26
N GLU A 118 44.56 3.26 -6.53
CA GLU A 118 43.55 4.28 -6.84
C GLU A 118 42.19 3.93 -6.25
N SER A 119 41.78 2.65 -6.36
CA SER A 119 40.51 2.20 -5.79
C SER A 119 40.54 2.16 -4.25
N ARG A 120 41.64 1.68 -3.61
CA ARG A 120 41.78 1.65 -2.14
C ARG A 120 41.66 3.06 -1.57
N VAL A 121 42.35 4.04 -2.22
CA VAL A 121 42.32 5.45 -1.84
C VAL A 121 40.88 5.92 -1.92
N PHE A 122 40.24 5.72 -3.08
CA PHE A 122 38.86 6.11 -3.35
C PHE A 122 37.92 5.72 -2.21
N TYR A 123 37.95 4.44 -1.84
CA TYR A 123 37.09 3.91 -0.79
C TYR A 123 37.46 4.41 0.59
N LEU A 124 38.77 4.54 0.87
CA LEU A 124 39.20 5.00 2.18
C LEU A 124 38.88 6.47 2.39
N LYS A 125 38.93 7.31 1.29
CA LYS A 125 38.55 8.73 1.28
C LYS A 125 37.05 8.76 1.59
N MET A 126 36.31 7.86 0.95
CA MET A 126 34.89 7.67 1.14
C MET A 126 34.60 7.30 2.58
N LYS A 127 35.36 6.42 3.20
CA LYS A 127 35.17 6.02 4.60
C LYS A 127 35.38 7.23 5.53
N GLY A 128 36.34 8.09 5.18
CA GLY A 128 36.64 9.30 5.92
C GLY A 128 35.51 10.30 5.74
N ASP A 129 35.04 10.48 4.51
CA ASP A 129 33.93 11.41 4.26
C ASP A 129 32.70 11.07 5.07
N TYR A 130 32.28 9.77 5.05
CA TYR A 130 31.04 9.37 5.69
C TYR A 130 31.17 9.38 7.19
N TYR A 131 32.36 9.12 7.75
CA TYR A 131 32.53 9.25 9.19
C TYR A 131 32.51 10.75 9.56
N ARG A 132 33.13 11.61 8.71
CA ARG A 132 33.16 13.06 8.89
C ARG A 132 31.72 13.57 8.93
N TYR A 133 30.84 13.03 8.06
CA TYR A 133 29.42 13.40 8.02
C TYR A 133 28.72 13.05 9.32
N LEU A 134 29.03 11.87 9.88
CA LEU A 134 28.49 11.42 11.16
C LEU A 134 28.97 12.35 12.29
N ALA A 135 30.27 12.80 12.22
CA ALA A 135 30.91 13.71 13.19
C ALA A 135 30.31 15.12 13.13
N GLU A 136 29.74 15.53 11.98
CA GLU A 136 29.09 16.84 11.82
C GLU A 136 27.88 16.93 12.71
N VAL A 137 27.18 15.78 12.94
CA VAL A 137 25.95 15.71 13.72
C VAL A 137 26.14 15.07 15.14
N ALA A 138 27.29 14.39 15.37
CA ALA A 138 27.66 13.72 16.63
C ALA A 138 27.85 14.76 17.70
N THR A 139 27.27 14.50 18.88
CA THR A 139 27.33 15.42 20.02
C THR A 139 27.77 14.68 21.26
N GLY A 140 27.46 13.39 21.29
CA GLY A 140 27.76 12.49 22.39
C GLY A 140 29.23 12.21 22.69
N ASP A 141 29.44 11.08 23.35
CA ASP A 141 30.76 10.64 23.74
C ASP A 141 31.34 9.89 22.54
N ASP A 142 30.44 9.56 21.59
CA ASP A 142 30.70 8.88 20.33
C ASP A 142 31.49 9.77 19.36
N LYS A 143 31.40 11.11 19.53
CA LYS A 143 32.05 12.13 18.70
C LYS A 143 33.55 11.84 18.57
N LYS A 144 34.23 11.57 19.71
CA LYS A 144 35.67 11.25 19.73
C LYS A 144 36.00 10.03 18.85
N ARG A 145 35.25 8.90 19.03
CA ARG A 145 35.39 7.64 18.29
C ARG A 145 35.20 7.85 16.80
N ILE A 146 34.16 8.64 16.43
CA ILE A 146 33.78 8.93 15.04
C ILE A 146 34.88 9.76 14.42
N ILE A 147 35.24 10.87 15.07
CA ILE A 147 36.31 11.76 14.60
C ILE A 147 37.58 10.92 14.29
N ASP A 148 37.93 10.00 15.19
CA ASP A 148 39.10 9.16 15.00
C ASP A 148 38.96 8.19 13.83
N SER A 149 37.76 7.58 13.67
CA SER A 149 37.49 6.64 12.59
C SER A 149 37.69 7.33 11.23
N ALA A 150 37.34 8.64 11.14
CA ALA A 150 37.50 9.44 9.93
C ALA A 150 38.99 9.79 9.76
N ARG A 151 39.66 10.19 10.83
CA ARG A 151 41.07 10.53 10.78
C ARG A 151 41.87 9.35 10.22
N SER A 152 41.65 8.13 10.78
CA SER A 152 42.33 6.88 10.42
C SER A 152 42.19 6.57 8.96
N ALA A 153 40.94 6.65 8.42
CA ALA A 153 40.61 6.34 7.04
C ALA A 153 41.29 7.32 6.09
N TYR A 154 41.26 8.63 6.40
CA TYR A 154 41.89 9.64 5.57
C TYR A 154 43.38 9.45 5.62
N GLN A 155 43.93 9.22 6.80
CA GLN A 155 45.37 9.05 6.96
C GLN A 155 45.86 7.83 6.22
N GLU A 156 45.11 6.70 6.30
CA GLU A 156 45.46 5.45 5.61
C GLU A 156 45.46 5.71 4.09
N ALA A 157 44.43 6.44 3.60
CA ALA A 157 44.29 6.87 2.19
C ALA A 157 45.44 7.79 1.79
N MET A 158 45.83 8.75 2.67
CA MET A 158 46.93 9.69 2.47
C MET A 158 48.22 8.95 2.20
N ASP A 159 48.51 7.97 3.06
CA ASP A 159 49.71 7.16 2.99
C ASP A 159 49.84 6.45 1.64
N ILE A 160 48.74 5.88 1.17
CA ILE A 160 48.69 5.21 -0.14
C ILE A 160 48.86 6.24 -1.27
N SER A 161 48.12 7.33 -1.22
CA SER A 161 48.17 8.35 -2.26
C SER A 161 49.55 8.98 -2.38
N LYS A 162 50.23 9.19 -1.24
CA LYS A 162 51.56 9.79 -1.22
C LYS A 162 52.65 8.85 -1.76
N LYS A 163 52.44 7.53 -1.64
CA LYS A 163 53.40 6.56 -2.18
C LYS A 163 53.14 6.32 -3.67
N GLU A 164 52.00 5.70 -3.96
CA GLU A 164 51.54 5.24 -5.27
C GLU A 164 51.10 6.33 -6.28
N MET A 165 50.68 7.53 -5.85
CA MET A 165 50.16 8.52 -6.80
C MET A 165 50.97 9.80 -6.95
N PRO A 166 50.91 10.48 -8.15
CA PRO A 166 51.62 11.77 -8.28
C PRO A 166 50.81 12.87 -7.59
N PRO A 167 51.40 14.02 -7.19
CA PRO A 167 50.60 15.07 -6.51
C PRO A 167 49.50 15.70 -7.35
N THR A 168 49.48 15.44 -8.68
CA THR A 168 48.47 15.94 -9.62
C THR A 168 47.27 15.00 -9.75
N ASN A 169 47.35 13.79 -9.19
CA ASN A 169 46.27 12.83 -9.27
C ASN A 169 44.99 13.41 -8.64
N PRO A 170 43.88 13.53 -9.44
CA PRO A 170 42.63 14.07 -8.89
C PRO A 170 42.10 13.34 -7.65
N ILE A 171 42.35 12.03 -7.54
CA ILE A 171 41.92 11.25 -6.38
C ILE A 171 42.77 11.67 -5.15
N ARG A 172 44.09 11.85 -5.36
CA ARG A 172 44.99 12.31 -4.30
C ARG A 172 44.61 13.72 -3.86
N LEU A 173 44.38 14.60 -4.86
CA LEU A 173 43.97 16.01 -4.68
C LEU A 173 42.65 16.10 -3.91
N GLY A 174 41.65 15.35 -4.33
CA GLY A 174 40.34 15.29 -3.71
C GLY A 174 40.39 14.88 -2.26
N LEU A 175 41.18 13.86 -1.99
CA LEU A 175 41.40 13.33 -0.65
C LEU A 175 42.00 14.39 0.26
N ALA A 176 43.09 15.03 -0.18
CA ALA A 176 43.76 16.05 0.61
C ALA A 176 42.84 17.23 0.90
N LEU A 177 41.96 17.61 -0.09
CA LEU A 177 40.97 18.67 0.03
C LEU A 177 40.02 18.33 1.18
N ASN A 178 39.46 17.12 1.16
CA ASN A 178 38.53 16.65 2.19
C ASN A 178 39.18 16.50 3.55
N PHE A 179 40.41 15.96 3.57
CA PHE A 179 41.11 15.79 4.81
C PHE A 179 41.39 17.17 5.47
N SER A 180 41.72 18.22 4.65
CA SER A 180 41.99 19.58 5.10
C SER A 180 40.69 20.23 5.64
N VAL A 181 39.56 19.89 5.01
CA VAL A 181 38.22 20.30 5.45
C VAL A 181 37.96 19.60 6.82
N PHE A 182 38.33 18.30 6.95
CA PHE A 182 38.17 17.56 8.19
C PHE A 182 38.94 18.27 9.29
N HIS A 183 40.22 18.61 9.05
CA HIS A 183 41.06 19.32 10.00
C HIS A 183 40.43 20.64 10.41
N TYR A 184 39.99 21.46 9.41
CA TYR A 184 39.41 22.76 9.70
C TYR A 184 38.13 22.66 10.51
N GLU A 185 37.10 22.03 9.93
CA GLU A 185 35.77 21.88 10.51
C GLU A 185 35.71 20.98 11.74
N ILE A 186 35.92 19.67 11.52
CA ILE A 186 35.79 18.59 12.53
C ILE A 186 36.86 18.59 13.65
N ALA A 187 38.13 18.48 13.29
CA ALA A 187 39.23 18.42 14.23
C ALA A 187 39.57 19.77 14.88
N ASN A 188 39.03 20.86 14.32
CA ASN A 188 39.29 22.23 14.76
C ASN A 188 40.81 22.53 14.80
N SER A 189 41.50 22.17 13.71
CA SER A 189 42.93 22.39 13.50
C SER A 189 43.08 23.23 12.21
N PRO A 190 42.76 24.54 12.25
CA PRO A 190 42.88 25.37 11.06
C PRO A 190 44.29 25.49 10.50
N GLU A 191 45.32 25.50 11.39
CA GLU A 191 46.74 25.55 11.04
C GLU A 191 47.15 24.36 10.16
N GLU A 192 46.76 23.11 10.61
CA GLU A 192 46.99 21.83 9.95
C GLU A 192 46.26 21.82 8.62
N ALA A 193 45.02 22.35 8.60
CA ALA A 193 44.15 22.44 7.42
C ALA A 193 44.73 23.35 6.35
N ILE A 194 45.11 24.59 6.74
CA ILE A 194 45.70 25.56 5.85
C ILE A 194 46.99 25.01 5.23
N SER A 195 47.89 24.44 6.07
CA SER A 195 49.14 23.84 5.62
C SER A 195 48.92 22.72 4.59
N LEU A 196 47.99 21.78 4.89
CA LEU A 196 47.68 20.65 4.01
C LEU A 196 47.22 21.16 2.67
N ALA A 197 46.24 22.08 2.65
CA ALA A 197 45.70 22.70 1.46
C ALA A 197 46.80 23.43 0.68
N LYS A 198 47.65 24.26 1.36
CA LYS A 198 48.77 25.00 0.75
C LYS A 198 49.75 24.03 0.06
N THR A 199 50.32 23.05 0.83
CA THR A 199 51.26 22.03 0.36
C THR A 199 50.67 21.28 -0.84
N THR A 200 49.43 20.75 -0.70
CA THR A 200 48.71 20.01 -1.75
C THR A 200 48.66 20.79 -3.06
N PHE A 201 48.17 22.04 -3.01
CA PHE A 201 48.07 22.93 -4.16
C PHE A 201 49.44 23.19 -4.76
N ASP A 202 50.41 23.65 -3.93
CA ASP A 202 51.77 24.00 -4.35
C ASP A 202 52.48 22.83 -5.02
N GLU A 203 52.30 21.61 -4.50
CA GLU A 203 52.92 20.40 -5.06
C GLU A 203 52.31 19.96 -6.39
N ALA A 204 50.99 20.12 -6.54
CA ALA A 204 50.31 19.80 -7.78
C ALA A 204 50.67 20.86 -8.83
N MET A 205 50.85 22.14 -8.42
CA MET A 205 51.21 23.25 -9.31
C MET A 205 52.57 23.02 -9.95
N ALA A 206 53.51 22.44 -9.16
CA ALA A 206 54.88 22.14 -9.55
C ALA A 206 54.99 21.02 -10.59
N ASP A 207 53.85 20.35 -10.92
CA ASP A 207 53.76 19.21 -11.84
C ASP A 207 52.71 19.38 -12.92
N LEU A 208 52.02 20.52 -12.96
CA LEU A 208 50.95 20.76 -13.93
C LEU A 208 51.39 20.66 -15.40
N HIS A 209 52.64 21.05 -15.67
CA HIS A 209 53.30 21.04 -16.98
C HIS A 209 53.28 19.67 -17.67
N THR A 210 53.43 18.57 -16.91
CA THR A 210 53.45 17.20 -17.41
C THR A 210 52.09 16.67 -17.91
N LEU A 211 50.99 17.04 -17.23
CA LEU A 211 49.62 16.56 -17.48
C LEU A 211 49.08 16.72 -18.91
N SER A 212 48.23 15.75 -19.34
CA SER A 212 47.53 15.70 -20.63
C SER A 212 46.23 16.53 -20.56
N GLU A 213 45.57 16.75 -21.72
CA GLU A 213 44.31 17.52 -21.86
C GLU A 213 43.24 17.16 -20.80
N ASP A 214 42.94 15.86 -20.71
CA ASP A 214 41.93 15.29 -19.81
C ASP A 214 42.34 15.39 -18.33
N SER A 215 43.61 15.02 -18.00
CA SER A 215 44.18 15.03 -16.64
C SER A 215 44.11 16.43 -16.03
N TYR A 216 44.61 17.43 -16.78
CA TYR A 216 44.66 18.84 -16.44
C TYR A 216 43.32 19.37 -15.97
N LYS A 217 42.25 19.11 -16.75
CA LYS A 217 40.89 19.56 -16.44
C LYS A 217 40.43 19.10 -15.05
N ASP A 218 40.56 17.79 -14.74
CA ASP A 218 40.12 17.20 -13.46
C ASP A 218 40.95 17.69 -12.29
N SER A 219 42.26 17.82 -12.50
CA SER A 219 43.21 18.25 -11.47
C SER A 219 43.07 19.71 -11.06
N THR A 220 43.02 20.61 -12.06
CA THR A 220 42.88 22.05 -11.84
C THR A 220 41.54 22.40 -11.23
N LEU A 221 40.52 21.55 -11.41
CA LEU A 221 39.20 21.68 -10.82
C LEU A 221 39.34 21.66 -9.29
N ILE A 222 39.96 20.58 -8.76
CA ILE A 222 40.19 20.37 -7.33
C ILE A 222 41.15 21.40 -6.77
N MET A 223 42.17 21.78 -7.55
CA MET A 223 43.13 22.77 -7.12
C MET A 223 42.44 24.12 -6.91
N GLN A 224 41.41 24.42 -7.72
CA GLN A 224 40.67 25.65 -7.55
C GLN A 224 39.86 25.59 -6.25
N LEU A 225 39.34 24.37 -5.89
CA LEU A 225 38.60 24.15 -4.65
C LEU A 225 39.51 24.38 -3.45
N LEU A 226 40.77 23.91 -3.56
CA LEU A 226 41.80 24.09 -2.54
C LEU A 226 42.14 25.57 -2.41
N ARG A 227 42.34 26.27 -3.56
CA ARG A 227 42.63 27.68 -3.58
C ARG A 227 41.50 28.49 -2.97
N ASP A 228 40.23 28.13 -3.29
CA ASP A 228 39.05 28.80 -2.77
C ASP A 228 38.96 28.67 -1.26
N ASN A 229 39.26 27.45 -0.74
CA ASN A 229 39.29 27.16 0.67
C ASN A 229 40.39 27.96 1.36
N LEU A 230 41.60 27.98 0.76
CA LEU A 230 42.75 28.72 1.30
C LEU A 230 42.44 30.20 1.41
N THR A 231 41.78 30.79 0.38
CA THR A 231 41.36 32.19 0.35
C THR A 231 40.40 32.50 1.50
N LEU A 232 39.42 31.59 1.69
CA LEU A 232 38.40 31.65 2.73
C LEU A 232 39.01 31.55 4.12
N TRP A 233 39.88 30.55 4.34
CA TRP A 233 40.49 30.27 5.62
C TRP A 233 41.56 31.24 6.06
N THR A 234 42.36 31.77 5.12
CA THR A 234 43.46 32.70 5.43
C THR A 234 43.09 34.18 5.28
N GLY A 235 42.21 34.48 4.32
CA GLY A 235 41.82 35.85 4.02
C GLY A 235 42.73 36.57 3.03
N SER A 236 43.25 35.83 2.06
CA SER A 236 44.15 36.41 1.02
C SER A 236 43.48 37.62 0.37
N GLU B 5 -1.15 19.44 18.47
CA GLU B 5 -0.73 18.50 17.40
C GLU B 5 -0.75 19.20 16.03
N ARG B 6 -1.94 19.36 15.45
CA ARG B 6 -2.09 19.96 14.13
C ARG B 6 -1.10 21.10 13.93
N ALA B 7 -1.01 21.98 14.93
CA ALA B 7 -0.14 23.15 15.00
C ALA B 7 1.28 22.75 14.72
N SER B 8 1.72 21.67 15.41
CA SER B 8 3.04 21.07 15.34
C SER B 8 3.31 20.51 13.94
N LEU B 9 2.29 19.86 13.31
CA LEU B 9 2.39 19.30 11.96
C LEU B 9 2.59 20.39 10.93
N ILE B 10 1.88 21.53 11.10
CA ILE B 10 1.97 22.72 10.25
C ILE B 10 3.32 23.36 10.48
N GLN B 11 3.75 23.42 11.75
CA GLN B 11 5.06 23.96 12.11
C GLN B 11 6.16 23.16 11.43
N LYS B 12 6.06 21.80 11.49
CA LYS B 12 7.00 20.87 10.89
C LYS B 12 6.98 20.89 9.35
N ALA B 13 5.81 21.20 8.76
CA ALA B 13 5.69 21.31 7.30
C ALA B 13 6.41 22.55 6.83
N LYS B 14 6.34 23.65 7.62
CA LYS B 14 6.98 24.93 7.33
C LYS B 14 8.49 24.74 7.44
N LEU B 15 8.93 23.96 8.46
CA LEU B 15 10.32 23.64 8.75
C LEU B 15 10.88 22.75 7.62
N ALA B 16 10.07 21.78 7.14
CA ALA B 16 10.48 20.89 6.06
C ALA B 16 10.65 21.70 4.79
N GLU B 17 9.81 22.74 4.59
CA GLU B 17 9.88 23.59 3.42
C GLU B 17 11.19 24.33 3.41
N GLN B 18 11.55 24.93 4.58
CA GLN B 18 12.79 25.66 4.77
C GLN B 18 14.01 24.78 4.50
N ALA B 19 13.92 23.49 4.87
CA ALA B 19 14.97 22.50 4.70
C ALA B 19 14.89 21.82 3.31
N GLU B 20 13.96 22.27 2.43
CA GLU B 20 13.76 21.74 1.06
C GLU B 20 13.52 20.23 1.04
N ARG B 21 12.77 19.74 2.04
CA ARG B 21 12.41 18.35 2.24
C ARG B 21 10.92 18.29 2.01
N TYR B 22 10.54 18.31 0.71
CA TYR B 22 9.17 18.35 0.24
C TYR B 22 8.45 17.03 0.42
N GLU B 23 9.18 15.90 0.40
CA GLU B 23 8.59 14.58 0.64
C GLU B 23 8.03 14.57 2.08
N ASP B 24 8.84 15.07 3.03
CA ASP B 24 8.51 15.19 4.45
C ASP B 24 7.38 16.20 4.66
N MET B 25 7.47 17.34 3.96
CA MET B 25 6.51 18.44 4.02
C MET B 25 5.11 17.99 3.62
N ALA B 26 5.04 17.20 2.54
CA ALA B 26 3.78 16.65 2.04
C ALA B 26 3.18 15.70 3.09
N ALA B 27 4.04 14.86 3.72
CA ALA B 27 3.65 13.92 4.74
C ALA B 27 3.01 14.65 5.91
N PHE B 28 3.63 15.78 6.36
CA PHE B 28 3.16 16.58 7.48
C PHE B 28 1.86 17.22 7.12
N MET B 29 1.75 17.73 5.86
CA MET B 29 0.56 18.39 5.39
C MET B 29 -0.59 17.43 5.28
N LYS B 30 -0.33 16.19 4.84
CA LYS B 30 -1.33 15.11 4.76
C LYS B 30 -1.88 14.85 6.16
N GLY B 31 -0.98 14.74 7.14
CA GLY B 31 -1.33 14.53 8.54
C GLY B 31 -2.15 15.65 9.14
N ALA B 32 -1.87 16.90 8.71
CA ALA B 32 -2.55 18.12 9.15
C ALA B 32 -3.94 18.16 8.55
N VAL B 33 -4.07 17.77 7.27
CA VAL B 33 -5.35 17.69 6.57
C VAL B 33 -6.23 16.71 7.30
N GLU B 34 -5.66 15.53 7.61
CA GLU B 34 -6.31 14.40 8.26
C GLU B 34 -6.85 14.72 9.65
N LYS B 35 -6.48 15.91 10.21
CA LYS B 35 -7.00 16.37 11.51
C LYS B 35 -8.43 16.85 11.35
N GLY B 36 -8.84 17.10 10.12
CA GLY B 36 -10.22 17.45 9.76
C GLY B 36 -10.58 18.92 9.72
N GLU B 37 -9.68 19.80 10.21
CA GLU B 37 -9.96 21.23 10.19
C GLU B 37 -9.71 21.79 8.81
N GLU B 38 -10.32 22.95 8.53
CA GLU B 38 -10.17 23.67 7.28
C GLU B 38 -8.75 24.25 7.24
N LEU B 39 -8.08 24.12 6.08
CA LEU B 39 -6.77 24.70 5.92
C LEU B 39 -6.95 26.19 5.66
N SER B 40 -6.13 27.02 6.31
CA SER B 40 -6.12 28.46 6.07
C SER B 40 -5.48 28.68 4.68
N CYS B 41 -5.72 29.82 4.02
CA CYS B 41 -5.10 30.10 2.72
C CYS B 41 -3.59 29.75 2.71
N GLU B 42 -2.88 30.12 3.78
CA GLU B 42 -1.45 29.86 4.01
C GLU B 42 -1.22 28.35 4.02
N GLU B 43 -2.03 27.63 4.83
CA GLU B 43 -1.99 26.18 5.00
C GLU B 43 -2.31 25.41 3.71
N ARG B 44 -3.14 25.98 2.81
CA ARG B 44 -3.48 25.34 1.53
C ARG B 44 -2.24 25.33 0.65
N ASN B 45 -1.59 26.49 0.62
CA ASN B 45 -0.39 26.70 -0.18
C ASN B 45 0.69 25.76 0.29
N LEU B 46 0.80 25.52 1.62
CA LEU B 46 1.78 24.59 2.14
C LEU B 46 1.55 23.21 1.53
N LEU B 47 0.31 22.73 1.58
CA LEU B 47 -0.07 21.44 1.00
C LEU B 47 0.22 21.37 -0.51
N SER B 48 -0.23 22.38 -1.27
CA SER B 48 -0.01 22.50 -2.70
C SER B 48 1.50 22.50 -3.08
N VAL B 49 2.33 23.34 -2.41
CA VAL B 49 3.78 23.48 -2.64
C VAL B 49 4.48 22.14 -2.44
N ALA B 50 4.16 21.47 -1.32
CA ALA B 50 4.72 20.22 -0.90
C ALA B 50 4.54 19.17 -1.97
N TYR B 51 3.27 18.89 -2.34
CA TYR B 51 2.92 17.90 -3.36
C TYR B 51 3.35 18.34 -4.74
N LYS B 52 3.22 19.62 -5.09
CA LYS B 52 3.68 20.13 -6.38
C LYS B 52 5.16 19.77 -6.58
N ASN B 53 6.00 19.98 -5.56
CA ASN B 53 7.43 19.67 -5.62
C ASN B 53 7.68 18.17 -5.74
N VAL B 54 6.96 17.37 -4.93
CA VAL B 54 7.07 15.92 -4.92
C VAL B 54 6.78 15.37 -6.31
N VAL B 55 5.56 15.63 -6.83
CA VAL B 55 5.13 15.16 -8.16
C VAL B 55 5.96 15.77 -9.26
N GLY B 56 6.33 17.04 -9.05
CA GLY B 56 7.18 17.79 -9.95
C GLY B 56 8.42 17.03 -10.35
N GLY B 57 9.15 16.56 -9.34
CA GLY B 57 10.35 15.77 -9.51
C GLY B 57 10.11 14.41 -10.16
N GLN B 58 9.01 13.76 -9.79
CA GLN B 58 8.62 12.45 -10.33
C GLN B 58 8.30 12.53 -11.80
N ARG B 59 7.46 13.54 -12.18
CA ARG B 59 7.04 13.81 -13.55
C ARG B 59 8.26 14.10 -14.43
N ALA B 60 9.19 14.95 -13.91
CA ALA B 60 10.43 15.36 -14.54
C ALA B 60 11.26 14.15 -14.89
N ALA B 61 11.36 13.19 -13.92
CA ALA B 61 12.13 11.96 -14.01
C ALA B 61 11.49 11.03 -15.02
N TRP B 62 10.15 10.92 -14.95
CA TRP B 62 9.36 10.07 -15.83
C TRP B 62 9.49 10.53 -17.28
N ARG B 63 9.50 11.86 -17.51
CA ARG B 63 9.66 12.45 -18.85
C ARG B 63 11.04 12.06 -19.42
N VAL B 64 12.09 12.15 -18.56
CA VAL B 64 13.48 11.78 -18.91
C VAL B 64 13.53 10.34 -19.36
N LEU B 65 12.94 9.43 -18.55
CA LEU B 65 12.95 7.98 -18.82
C LEU B 65 12.14 7.61 -20.03
N SER B 66 10.92 8.20 -20.17
CA SER B 66 10.04 7.94 -21.31
C SER B 66 10.70 8.41 -22.61
N SER B 67 11.41 9.57 -22.60
CA SER B 67 12.12 10.09 -23.78
C SER B 67 13.23 9.11 -24.20
N ILE B 68 13.97 8.54 -23.21
CA ILE B 68 15.04 7.55 -23.41
C ILE B 68 14.40 6.30 -24.01
N GLU B 69 13.24 5.91 -23.47
CA GLU B 69 12.46 4.74 -23.88
C GLU B 69 11.92 4.88 -25.32
N GLN B 70 11.44 6.07 -25.72
CA GLN B 70 10.88 6.31 -27.04
C GLN B 70 11.96 6.46 -28.11
N LYS B 71 13.12 7.07 -27.75
CA LYS B 71 14.29 7.19 -28.63
C LYS B 71 15.03 5.82 -28.56
N SER B 72 14.26 4.76 -28.86
CA SER B 72 14.65 3.35 -28.83
C SER B 72 15.82 3.07 -29.78
N ASN B 73 15.66 3.44 -31.07
CA ASN B 73 16.66 3.29 -32.15
C ASN B 73 17.17 4.65 -32.65
N ALA B 78 21.72 5.14 -28.89
CA ALA B 78 20.48 4.67 -29.55
C ALA B 78 20.18 3.22 -29.11
N ALA B 79 20.05 3.01 -27.80
CA ALA B 79 19.76 1.65 -27.26
C ALA B 79 18.65 1.74 -26.21
N ALA B 80 17.94 0.62 -25.99
CA ALA B 80 16.83 0.58 -25.00
C ALA B 80 16.63 -0.86 -24.51
N GLY B 81 16.86 -1.11 -23.22
CA GLY B 81 16.68 -2.47 -22.68
C GLY B 81 15.41 -2.59 -21.87
N PRO B 82 15.28 -3.61 -20.99
CA PRO B 82 14.09 -3.74 -20.13
C PRO B 82 14.23 -2.79 -18.93
N GLU B 83 15.47 -2.39 -18.63
CA GLU B 83 15.77 -1.47 -17.50
C GLU B 83 15.10 -0.11 -17.75
N VAL B 84 15.08 0.38 -19.00
CA VAL B 84 14.46 1.68 -19.23
C VAL B 84 12.98 1.56 -18.93
N ARG B 85 12.31 0.54 -19.53
CA ARG B 85 10.88 0.31 -19.36
C ARG B 85 10.58 0.02 -17.90
N GLU B 86 11.29 -0.96 -17.33
CA GLU B 86 11.13 -1.36 -15.95
C GLU B 86 11.24 -0.19 -14.98
N TYR B 87 12.34 0.60 -15.08
CA TYR B 87 12.58 1.75 -14.21
C TYR B 87 11.58 2.89 -14.46
N ARG B 88 11.16 3.12 -15.72
CA ARG B 88 10.16 4.13 -16.04
C ARG B 88 8.84 3.71 -15.37
N GLU B 89 8.56 2.37 -15.32
CA GLU B 89 7.36 1.79 -14.67
C GLU B 89 7.44 2.02 -13.16
N LYS B 90 8.65 1.92 -12.55
CA LYS B 90 8.87 2.12 -11.11
C LYS B 90 8.46 3.55 -10.72
N VAL B 91 9.03 4.54 -11.44
CA VAL B 91 8.81 5.97 -11.27
C VAL B 91 7.32 6.29 -11.53
N GLU B 92 6.75 5.69 -12.58
CA GLU B 92 5.35 5.84 -12.96
C GLU B 92 4.46 5.42 -11.78
N THR B 93 4.63 4.19 -11.28
CA THR B 93 3.87 3.63 -10.15
C THR B 93 3.95 4.54 -8.92
N GLU B 94 5.16 5.02 -8.63
CA GLU B 94 5.49 5.89 -7.51
C GLU B 94 4.73 7.22 -7.62
N LEU B 95 4.80 7.84 -8.82
CA LEU B 95 4.14 9.10 -9.18
C LEU B 95 2.63 8.91 -9.05
N GLN B 96 2.09 7.81 -9.61
CA GLN B 96 0.67 7.47 -9.60
C GLN B 96 0.17 7.35 -8.17
N GLY B 97 0.99 6.77 -7.31
CA GLY B 97 0.68 6.62 -5.89
C GLY B 97 0.50 7.94 -5.17
N VAL B 98 1.36 8.94 -5.49
CA VAL B 98 1.31 10.28 -4.92
C VAL B 98 0.03 10.97 -5.35
N CYS B 99 -0.30 10.94 -6.65
CA CYS B 99 -1.51 11.53 -7.19
C CYS B 99 -2.71 10.93 -6.49
N ASP B 100 -2.74 9.59 -6.42
CA ASP B 100 -3.80 8.86 -5.74
C ASP B 100 -3.97 9.33 -4.27
N THR B 101 -2.87 9.67 -3.59
CA THR B 101 -2.84 10.17 -2.20
C THR B 101 -3.48 11.56 -2.13
N VAL B 102 -3.02 12.50 -2.98
CA VAL B 102 -3.51 13.87 -3.04
C VAL B 102 -4.99 13.87 -3.33
N LEU B 103 -5.42 13.07 -4.32
CA LEU B 103 -6.81 12.95 -4.75
C LEU B 103 -7.65 12.36 -3.65
N GLY B 104 -7.10 11.40 -2.93
CA GLY B 104 -7.75 10.82 -1.78
C GLY B 104 -7.99 11.89 -0.74
N LEU B 105 -6.94 12.70 -0.38
CA LEU B 105 -7.01 13.84 0.55
C LEU B 105 -8.09 14.81 0.10
N LEU B 106 -8.13 15.09 -1.21
CA LEU B 106 -9.09 16.01 -1.76
C LEU B 106 -10.51 15.49 -1.62
N ASP B 107 -10.79 14.23 -1.94
CA ASP B 107 -12.19 13.76 -1.82
C ASP B 107 -12.64 13.54 -0.39
N SER B 108 -11.74 12.96 0.42
CA SER B 108 -11.97 12.63 1.82
C SER B 108 -12.10 13.83 2.78
N HIS B 109 -11.36 14.93 2.51
CA HIS B 109 -11.32 16.07 3.41
C HIS B 109 -11.45 17.48 2.85
N LEU B 110 -10.83 17.76 1.72
CA LEU B 110 -10.69 19.14 1.24
C LEU B 110 -11.88 19.66 0.41
N ILE B 111 -12.37 18.88 -0.55
CA ILE B 111 -13.47 19.34 -1.38
C ILE B 111 -14.76 19.19 -0.58
N LYS B 112 -15.29 20.33 -0.06
CA LYS B 112 -16.47 20.39 0.83
C LYS B 112 -17.66 21.20 0.24
N GLU B 113 -18.90 20.73 0.53
CA GLU B 113 -20.20 21.24 0.04
C GLU B 113 -20.14 22.75 -0.32
N ALA B 114 -19.69 23.59 0.63
CA ALA B 114 -19.56 25.01 0.44
C ALA B 114 -18.58 25.59 1.47
N GLY B 115 -17.65 26.37 0.94
CA GLY B 115 -16.66 27.17 1.66
C GLY B 115 -16.67 28.52 0.99
N ASP B 116 -15.52 29.16 0.81
CA ASP B 116 -15.36 30.40 0.06
C ASP B 116 -14.95 29.96 -1.33
N ALA B 117 -15.36 30.67 -2.41
CA ALA B 117 -15.03 30.31 -3.80
C ALA B 117 -13.56 30.11 -4.04
N GLU B 118 -12.72 30.84 -3.29
CA GLU B 118 -11.28 30.73 -3.39
C GLU B 118 -10.84 29.36 -2.98
N SER B 119 -11.14 28.93 -1.73
CA SER B 119 -10.77 27.58 -1.30
C SER B 119 -11.42 26.52 -2.25
N ARG B 120 -12.70 26.76 -2.62
CA ARG B 120 -13.52 25.92 -3.46
C ARG B 120 -12.91 25.66 -4.82
N VAL B 121 -12.45 26.74 -5.50
CA VAL B 121 -11.79 26.66 -6.81
C VAL B 121 -10.39 25.98 -6.62
N PHE B 122 -9.62 26.40 -5.60
CA PHE B 122 -8.29 25.87 -5.30
C PHE B 122 -8.23 24.36 -5.27
N TYR B 123 -9.15 23.75 -4.50
CA TYR B 123 -9.20 22.31 -4.34
C TYR B 123 -9.71 21.59 -5.56
N LEU B 124 -10.57 22.22 -6.37
CA LEU B 124 -11.03 21.53 -7.56
C LEU B 124 -9.97 21.63 -8.67
N LYS B 125 -9.28 22.79 -8.74
CA LYS B 125 -8.12 23.01 -9.62
C LYS B 125 -7.17 21.86 -9.27
N MET B 126 -6.80 21.78 -7.98
CA MET B 126 -5.96 20.72 -7.46
C MET B 126 -6.37 19.33 -7.92
N LYS B 127 -7.68 19.00 -7.87
CA LYS B 127 -8.21 17.72 -8.28
C LYS B 127 -7.99 17.51 -9.78
N GLY B 128 -8.22 18.57 -10.56
CA GLY B 128 -8.04 18.50 -12.01
C GLY B 128 -6.58 18.21 -12.32
N ASP B 129 -5.70 18.96 -11.63
CA ASP B 129 -4.29 18.93 -11.78
C ASP B 129 -3.75 17.57 -11.56
N TYR B 130 -4.07 16.93 -10.41
CA TYR B 130 -3.53 15.62 -10.09
C TYR B 130 -4.10 14.53 -10.99
N TYR B 131 -5.33 14.68 -11.48
CA TYR B 131 -5.83 13.74 -12.48
C TYR B 131 -5.07 13.92 -13.81
N ARG B 132 -4.69 15.18 -14.11
CA ARG B 132 -3.93 15.46 -15.32
C ARG B 132 -2.55 14.80 -15.24
N TYR B 133 -1.96 14.79 -14.05
CA TYR B 133 -0.67 14.14 -13.85
C TYR B 133 -0.80 12.66 -14.14
N LEU B 134 -1.88 12.05 -13.64
CA LEU B 134 -2.17 10.66 -13.91
C LEU B 134 -2.35 10.41 -15.41
N ALA B 135 -3.01 11.38 -16.12
CA ALA B 135 -3.26 11.32 -17.58
C ALA B 135 -1.95 11.38 -18.34
N GLU B 136 -0.99 12.16 -17.82
CA GLU B 136 0.32 12.35 -18.46
C GLU B 136 1.03 11.04 -18.69
N VAL B 137 0.81 10.04 -17.80
CA VAL B 137 1.45 8.73 -17.79
C VAL B 137 0.53 7.60 -18.27
N ALA B 138 -0.82 7.82 -18.15
CA ALA B 138 -1.91 6.89 -18.53
C ALA B 138 -1.76 6.43 -19.96
N THR B 139 -1.95 5.13 -20.18
CA THR B 139 -1.75 4.54 -21.50
C THR B 139 -2.92 3.68 -21.92
N GLY B 140 -3.58 3.06 -20.95
CA GLY B 140 -4.67 2.15 -21.25
C GLY B 140 -5.96 2.76 -21.75
N ASP B 141 -7.08 2.13 -21.38
CA ASP B 141 -8.43 2.61 -21.66
C ASP B 141 -8.74 3.61 -20.54
N ASP B 142 -7.98 3.50 -19.41
CA ASP B 142 -8.10 4.35 -18.23
C ASP B 142 -7.81 5.76 -18.57
N LYS B 143 -7.06 5.94 -19.65
CA LYS B 143 -6.69 7.24 -20.14
C LYS B 143 -7.97 8.04 -20.30
N LYS B 144 -9.02 7.45 -20.98
CA LYS B 144 -10.32 8.09 -21.18
C LYS B 144 -10.95 8.57 -19.88
N ARG B 145 -11.09 7.67 -18.89
CA ARG B 145 -11.73 8.04 -17.64
C ARG B 145 -10.93 9.01 -16.81
N ILE B 146 -9.59 8.86 -16.79
CA ILE B 146 -8.73 9.78 -16.05
C ILE B 146 -8.89 11.16 -16.68
N ILE B 147 -8.71 11.27 -18.02
CA ILE B 147 -8.88 12.52 -18.74
C ILE B 147 -10.21 13.17 -18.38
N ASP B 148 -11.29 12.35 -18.32
CA ASP B 148 -12.61 12.86 -17.96
C ASP B 148 -12.73 13.35 -16.52
N SER B 149 -12.12 12.60 -15.58
CA SER B 149 -12.11 12.97 -14.16
C SER B 149 -11.43 14.37 -13.99
N ALA B 150 -10.38 14.65 -14.81
CA ALA B 150 -9.69 15.93 -14.83
C ALA B 150 -10.56 17.01 -15.51
N ARG B 151 -11.18 16.70 -16.64
CA ARG B 151 -12.09 17.62 -17.32
C ARG B 151 -13.17 18.10 -16.36
N SER B 152 -13.87 17.15 -15.67
CA SER B 152 -14.94 17.40 -14.68
C SER B 152 -14.51 18.33 -13.54
N ALA B 153 -13.34 18.05 -12.90
CA ALA B 153 -12.85 18.89 -11.80
C ALA B 153 -12.58 20.27 -12.26
N TYR B 154 -11.80 20.41 -13.35
CA TYR B 154 -11.47 21.71 -13.94
C TYR B 154 -12.72 22.47 -14.36
N GLN B 155 -13.72 21.79 -14.91
CA GLN B 155 -14.96 22.42 -15.32
C GLN B 155 -15.78 22.84 -14.10
N GLU B 156 -15.83 21.99 -13.03
CA GLU B 156 -16.55 22.28 -11.81
C GLU B 156 -15.90 23.52 -11.15
N ALA B 157 -14.55 23.58 -11.12
CA ALA B 157 -13.79 24.74 -10.63
C ALA B 157 -14.07 25.98 -11.50
N MET B 158 -14.13 25.81 -12.85
CA MET B 158 -14.41 26.88 -13.81
C MET B 158 -15.71 27.53 -13.48
N ASP B 159 -16.76 26.71 -13.27
CA ASP B 159 -18.11 27.15 -12.95
C ASP B 159 -18.15 28.03 -11.72
N ILE B 160 -17.42 27.62 -10.68
CA ILE B 160 -17.33 28.41 -9.46
C ILE B 160 -16.58 29.71 -9.70
N SER B 161 -15.39 29.61 -10.33
CA SER B 161 -14.57 30.80 -10.59
C SER B 161 -15.26 31.83 -11.48
N LYS B 162 -16.05 31.37 -12.47
CA LYS B 162 -16.75 32.26 -13.39
C LYS B 162 -17.95 32.92 -12.75
N LYS B 163 -18.55 32.31 -11.71
CA LYS B 163 -19.66 32.94 -10.99
C LYS B 163 -19.16 33.86 -9.93
N GLU B 164 -18.53 33.30 -8.91
CA GLU B 164 -18.03 33.95 -7.69
C GLU B 164 -16.75 34.84 -7.79
N MET B 165 -15.95 34.70 -8.85
CA MET B 165 -14.69 35.48 -8.91
C MET B 165 -14.56 36.45 -10.07
N PRO B 166 -13.77 37.56 -9.91
CA PRO B 166 -13.56 38.46 -11.06
C PRO B 166 -12.52 37.84 -12.02
N PRO B 167 -12.48 38.24 -13.32
CA PRO B 167 -11.50 37.62 -14.24
C PRO B 167 -10.03 37.87 -13.91
N THR B 168 -9.76 38.79 -12.97
CA THR B 168 -8.40 39.13 -12.51
C THR B 168 -7.96 38.29 -11.31
N ASN B 169 -8.87 37.47 -10.74
CA ASN B 169 -8.53 36.65 -9.58
C ASN B 169 -7.41 35.68 -9.94
N PRO B 170 -6.26 35.75 -9.22
CA PRO B 170 -5.15 34.82 -9.53
C PRO B 170 -5.52 33.33 -9.48
N ILE B 171 -6.46 32.95 -8.61
CA ILE B 171 -6.92 31.56 -8.50
C ILE B 171 -7.73 31.21 -9.78
N ARG B 172 -8.59 32.15 -10.23
CA ARG B 172 -9.37 31.97 -11.47
C ARG B 172 -8.40 31.87 -12.67
N LEU B 173 -7.44 32.80 -12.73
CA LEU B 173 -6.42 32.89 -13.76
C LEU B 173 -5.58 31.59 -13.83
N GLY B 174 -5.08 31.15 -12.68
CA GLY B 174 -4.28 29.94 -12.55
C GLY B 174 -5.00 28.71 -13.04
N LEU B 175 -6.27 28.61 -12.64
CA LEU B 175 -7.13 27.48 -13.03
C LEU B 175 -7.28 27.42 -14.53
N ALA B 176 -7.64 28.57 -15.16
CA ALA B 176 -7.84 28.65 -16.59
C ALA B 176 -6.56 28.28 -17.37
N LEU B 177 -5.37 28.70 -16.83
CA LEU B 177 -4.05 28.40 -17.38
C LEU B 177 -3.87 26.89 -17.43
N ASN B 178 -4.11 26.21 -16.28
CA ASN B 178 -3.95 24.77 -16.18
C ASN B 178 -4.98 23.98 -17.02
N PHE B 179 -6.21 24.52 -17.13
CA PHE B 179 -7.25 23.84 -17.87
C PHE B 179 -6.96 23.93 -19.36
N SER B 180 -6.34 25.08 -19.80
CA SER B 180 -5.97 25.29 -21.21
C SER B 180 -4.84 24.32 -21.53
N VAL B 181 -3.86 24.18 -20.59
CA VAL B 181 -2.75 23.22 -20.68
C VAL B 181 -3.35 21.82 -20.82
N PHE B 182 -4.32 21.48 -19.97
CA PHE B 182 -5.09 20.25 -20.11
C PHE B 182 -5.71 20.17 -21.55
N HIS B 183 -6.42 21.22 -22.04
CA HIS B 183 -6.98 21.14 -23.38
C HIS B 183 -5.91 20.88 -24.47
N TYR B 184 -4.75 21.56 -24.39
CA TYR B 184 -3.69 21.40 -25.37
C TYR B 184 -2.98 20.05 -25.31
N GLU B 185 -2.32 19.77 -24.17
CA GLU B 185 -1.55 18.56 -23.91
C GLU B 185 -2.39 17.30 -23.86
N ILE B 186 -3.18 17.15 -22.78
CA ILE B 186 -3.99 15.99 -22.44
C ILE B 186 -5.16 15.71 -23.42
N ALA B 187 -6.11 16.65 -23.56
CA ALA B 187 -7.29 16.49 -24.39
C ALA B 187 -7.02 16.54 -25.88
N ASN B 188 -5.83 17.04 -26.25
CA ASN B 188 -5.42 17.22 -27.65
C ASN B 188 -6.45 18.10 -28.43
N SER B 189 -6.86 19.20 -27.77
CA SER B 189 -7.78 20.18 -28.33
C SER B 189 -7.04 21.56 -28.30
N PRO B 190 -6.08 21.77 -29.24
CA PRO B 190 -5.34 23.04 -29.27
C PRO B 190 -6.20 24.26 -29.51
N GLU B 191 -7.28 24.13 -30.29
CA GLU B 191 -8.23 25.18 -30.63
C GLU B 191 -8.91 25.69 -29.36
N GLU B 192 -9.44 24.74 -28.54
CA GLU B 192 -10.11 24.94 -27.26
C GLU B 192 -9.14 25.57 -26.26
N ALA B 193 -7.87 25.10 -26.26
CA ALA B 193 -6.77 25.56 -25.41
C ALA B 193 -6.39 26.99 -25.69
N ILE B 194 -6.15 27.30 -26.98
CA ILE B 194 -5.78 28.65 -27.43
C ILE B 194 -6.88 29.64 -27.05
N SER B 195 -8.16 29.28 -27.36
CA SER B 195 -9.34 30.11 -27.05
C SER B 195 -9.46 30.42 -25.54
N LEU B 196 -9.33 29.38 -24.69
CA LEU B 196 -9.42 29.53 -23.23
C LEU B 196 -8.36 30.48 -22.75
N ALA B 197 -7.09 30.25 -23.13
CA ALA B 197 -5.97 31.12 -22.79
C ALA B 197 -6.19 32.56 -23.30
N LYS B 198 -6.61 32.73 -24.58
CA LYS B 198 -6.92 34.04 -25.18
C LYS B 198 -7.97 34.77 -24.31
N THR B 199 -9.20 34.21 -24.23
CA THR B 199 -10.33 34.75 -23.47
C THR B 199 -9.90 35.15 -22.07
N THR B 200 -9.28 34.23 -21.34
CA THR B 200 -8.80 34.41 -19.98
C THR B 200 -7.94 35.66 -19.87
N PHE B 201 -6.87 35.76 -20.70
CA PHE B 201 -5.94 36.89 -20.76
C PHE B 201 -6.68 38.20 -21.09
N ASP B 202 -7.43 38.19 -22.23
CA ASP B 202 -8.17 39.35 -22.73
C ASP B 202 -9.15 39.91 -21.69
N GLU B 203 -9.83 39.01 -20.94
CA GLU B 203 -10.78 39.41 -19.90
C GLU B 203 -10.14 39.98 -18.65
N ALA B 204 -8.98 39.44 -18.25
CA ALA B 204 -8.25 39.94 -17.10
C ALA B 204 -7.62 41.29 -17.47
N MET B 205 -7.20 41.47 -18.76
CA MET B 205 -6.61 42.73 -19.27
C MET B 205 -7.61 43.88 -19.18
N ALA B 206 -8.88 43.59 -19.48
CA ALA B 206 -10.00 44.52 -19.47
C ALA B 206 -10.37 45.03 -18.06
N ASP B 207 -9.76 44.46 -17.00
CA ASP B 207 -10.03 44.79 -15.60
C ASP B 207 -8.78 45.10 -14.79
N LEU B 208 -7.59 45.10 -15.43
CA LEU B 208 -6.32 45.36 -14.74
C LEU B 208 -6.26 46.70 -14.01
N HIS B 209 -6.94 47.73 -14.58
CA HIS B 209 -7.04 49.10 -14.08
C HIS B 209 -7.55 49.19 -12.64
N THR B 210 -8.50 48.31 -12.25
CA THR B 210 -9.13 48.29 -10.92
C THR B 210 -8.19 47.83 -9.80
N LEU B 211 -7.36 46.81 -10.07
CA LEU B 211 -6.47 46.15 -9.11
C LEU B 211 -5.48 47.04 -8.33
N SER B 212 -5.19 46.65 -7.06
CA SER B 212 -4.24 47.27 -6.13
C SER B 212 -2.82 46.69 -6.39
N GLU B 213 -1.76 47.27 -5.76
CA GLU B 213 -0.37 46.82 -5.89
C GLU B 213 -0.22 45.31 -5.74
N ASP B 214 -0.71 44.78 -4.60
CA ASP B 214 -0.62 43.36 -4.26
C ASP B 214 -1.34 42.48 -5.28
N SER B 215 -2.61 42.83 -5.60
CA SER B 215 -3.49 42.11 -6.55
C SER B 215 -2.84 41.98 -7.95
N TYR B 216 -2.44 43.16 -8.50
CA TYR B 216 -1.81 43.33 -9.81
C TYR B 216 -0.63 42.41 -10.00
N LYS B 217 0.29 42.38 -9.03
CA LYS B 217 1.49 41.55 -9.06
C LYS B 217 1.15 40.08 -9.32
N ASP B 218 0.23 39.49 -8.51
CA ASP B 218 -0.16 38.08 -8.60
C ASP B 218 -0.87 37.74 -9.90
N SER B 219 -1.74 38.65 -10.35
CA SER B 219 -2.56 38.48 -11.54
C SER B 219 -1.78 38.56 -12.85
N THR B 220 -0.92 39.59 -13.00
CA THR B 220 -0.09 39.81 -14.18
C THR B 220 0.94 38.71 -14.34
N LEU B 221 1.30 38.01 -13.24
CA LEU B 221 2.24 36.90 -13.21
C LEU B 221 1.69 35.79 -14.07
N ILE B 222 0.44 35.38 -13.75
CA ILE B 222 -0.29 34.31 -14.44
C ILE B 222 -0.64 34.72 -15.86
N MET B 223 -0.95 36.02 -16.06
CA MET B 223 -1.28 36.61 -17.36
C MET B 223 -0.11 36.49 -18.33
N GLN B 224 1.09 36.56 -17.77
CA GLN B 224 2.30 36.41 -18.56
C GLN B 224 2.49 34.92 -18.95
N LEU B 225 2.15 33.99 -18.04
CA LEU B 225 2.22 32.55 -18.29
C LEU B 225 1.26 32.18 -19.43
N LEU B 226 0.07 32.80 -19.43
CA LEU B 226 -0.98 32.65 -20.45
C LEU B 226 -0.48 33.16 -21.78
N ARG B 227 0.11 34.39 -21.75
CA ARG B 227 0.66 35.01 -22.93
C ARG B 227 1.80 34.19 -23.53
N ASP B 228 2.69 33.66 -22.67
CA ASP B 228 3.82 32.84 -23.08
C ASP B 228 3.37 31.56 -23.75
N ASN B 229 2.31 30.92 -23.18
CA ASN B 229 1.67 29.72 -23.72
C ASN B 229 1.04 30.03 -25.07
N LEU B 230 0.29 31.16 -25.18
CA LEU B 230 -0.36 31.56 -26.41
C LEU B 230 0.66 31.76 -27.52
N THR B 231 1.81 32.41 -27.20
CA THR B 231 2.94 32.66 -28.13
C THR B 231 3.49 31.31 -28.67
N LEU B 232 3.70 30.36 -27.75
CA LEU B 232 4.20 29.02 -28.01
C LEU B 232 3.23 28.22 -28.89
N TRP B 233 1.94 28.21 -28.52
CA TRP B 233 0.89 27.46 -29.21
C TRP B 233 0.47 28.01 -30.55
N THR B 234 0.44 29.34 -30.72
CA THR B 234 0.00 29.95 -31.98
C THR B 234 1.17 30.20 -32.96
N GLY B 235 2.39 30.23 -32.43
CA GLY B 235 3.58 30.43 -33.26
C GLY B 235 3.72 31.87 -33.72
N SER B 236 3.88 32.77 -32.73
CA SER B 236 4.02 34.21 -32.90
C SER B 236 4.78 34.78 -31.70
N MET C 4 -26.32 -47.55 4.23
CA MET C 4 -25.54 -47.26 5.44
C MET C 4 -24.62 -46.02 5.31
N GLU C 5 -23.88 -45.88 4.17
CA GLU C 5 -22.96 -44.75 3.87
C GLU C 5 -23.66 -43.39 4.03
N ARG C 6 -24.99 -43.34 3.79
CA ARG C 6 -25.85 -42.15 3.92
C ARG C 6 -25.72 -41.53 5.31
N ALA C 7 -25.76 -42.39 6.35
CA ALA C 7 -25.63 -42.08 7.78
C ALA C 7 -24.39 -41.23 8.04
N SER C 8 -23.25 -41.70 7.48
CA SER C 8 -21.93 -41.08 7.53
C SER C 8 -21.94 -39.73 6.81
N LEU C 9 -22.62 -39.62 5.64
CA LEU C 9 -22.74 -38.36 4.88
C LEU C 9 -23.50 -37.29 5.69
N ILE C 10 -24.57 -37.71 6.38
CA ILE C 10 -25.39 -36.87 7.26
C ILE C 10 -24.57 -36.50 8.46
N GLN C 11 -23.80 -37.47 9.02
CA GLN C 11 -22.93 -37.25 10.16
C GLN C 11 -21.87 -36.19 9.81
N LYS C 12 -21.26 -36.31 8.62
CA LYS C 12 -20.24 -35.40 8.09
C LYS C 12 -20.81 -34.03 7.75
N ALA C 13 -22.09 -33.97 7.34
CA ALA C 13 -22.77 -32.69 7.06
C ALA C 13 -23.01 -31.93 8.36
N LYS C 14 -23.33 -32.64 9.46
CA LYS C 14 -23.56 -32.10 10.79
C LYS C 14 -22.23 -31.58 11.34
N LEU C 15 -21.14 -32.33 11.09
CA LEU C 15 -19.78 -31.99 11.48
C LEU C 15 -19.29 -30.76 10.72
N ALA C 16 -19.59 -30.70 9.42
CA ALA C 16 -19.21 -29.57 8.58
C ALA C 16 -19.93 -28.32 9.05
N GLU C 17 -21.17 -28.46 9.53
CA GLU C 17 -21.97 -27.35 10.04
C GLU C 17 -21.29 -26.78 11.28
N GLN C 18 -20.89 -27.67 12.20
CA GLN C 18 -20.20 -27.31 13.45
C GLN C 18 -18.91 -26.55 13.16
N ALA C 19 -18.21 -26.97 12.11
CA ALA C 19 -16.95 -26.38 11.67
C ALA C 19 -17.14 -25.16 10.74
N GLU C 20 -18.40 -24.77 10.48
CA GLU C 20 -18.77 -23.64 9.62
C GLU C 20 -18.20 -23.75 8.21
N ARG C 21 -18.17 -25.01 7.70
CA ARG C 21 -17.69 -25.39 6.38
C ARG C 21 -18.92 -25.79 5.59
N TYR C 22 -19.69 -24.76 5.15
CA TYR C 22 -20.97 -24.93 4.48
C TYR C 22 -20.81 -25.42 3.05
N GLU C 23 -19.66 -25.14 2.40
CA GLU C 23 -19.34 -25.63 1.06
C GLU C 23 -19.31 -27.16 1.10
N ASP C 24 -18.58 -27.68 2.11
CA ASP C 24 -18.43 -29.12 2.40
C ASP C 24 -19.78 -29.74 2.81
N MET C 25 -20.52 -29.05 3.68
CA MET C 25 -21.82 -29.47 4.21
C MET C 25 -22.84 -29.68 3.09
N ALA C 26 -22.87 -28.74 2.14
CA ALA C 26 -23.74 -28.81 0.99
C ALA C 26 -23.39 -30.04 0.13
N ALA C 27 -22.07 -30.27 -0.07
CA ALA C 27 -21.58 -31.39 -0.84
C ALA C 27 -22.04 -32.72 -0.23
N PHE C 28 -21.96 -32.84 1.12
CA PHE C 28 -22.36 -34.05 1.86
C PHE C 28 -23.84 -34.23 1.74
N MET C 29 -24.59 -33.12 1.85
CA MET C 29 -26.04 -33.15 1.76
C MET C 29 -26.53 -33.55 0.38
N LYS C 30 -25.85 -33.05 -0.68
CA LYS C 30 -26.14 -33.40 -2.07
C LYS C 30 -25.95 -34.91 -2.24
N GLY C 31 -24.84 -35.44 -1.70
CA GLY C 31 -24.51 -36.85 -1.74
C GLY C 31 -25.51 -37.72 -1.01
N ALA C 32 -26.07 -37.18 0.11
CA ALA C 32 -27.05 -37.85 0.97
C ALA C 32 -28.39 -37.91 0.24
N VAL C 33 -28.75 -36.78 -0.43
CA VAL C 33 -29.98 -36.68 -1.22
C VAL C 33 -29.92 -37.74 -2.33
N GLU C 34 -28.76 -37.78 -3.03
CA GLU C 34 -28.49 -38.64 -4.17
C GLU C 34 -28.58 -40.13 -3.84
N LYS C 35 -28.69 -40.48 -2.52
CA LYS C 35 -28.85 -41.87 -2.07
C LYS C 35 -30.25 -42.37 -2.34
N GLY C 36 -31.16 -41.42 -2.60
CA GLY C 36 -32.53 -41.68 -2.99
C GLY C 36 -33.59 -41.76 -1.92
N GLU C 37 -33.18 -41.74 -0.63
CA GLU C 37 -34.14 -41.79 0.48
C GLU C 37 -34.71 -40.39 0.72
N GLU C 38 -35.90 -40.34 1.31
CA GLU C 38 -36.62 -39.15 1.69
C GLU C 38 -35.79 -38.38 2.74
N LEU C 39 -35.95 -37.05 2.81
CA LEU C 39 -35.23 -36.30 3.82
C LEU C 39 -36.16 -35.98 5.00
N SER C 40 -35.72 -36.37 6.24
CA SER C 40 -36.42 -36.15 7.52
C SER C 40 -36.51 -34.67 7.79
N CYS C 41 -37.45 -34.18 8.64
CA CYS C 41 -37.53 -32.73 8.89
C CYS C 41 -36.14 -32.11 9.21
N GLU C 42 -35.36 -32.81 10.03
CA GLU C 42 -34.01 -32.45 10.42
C GLU C 42 -33.10 -32.36 9.17
N GLU C 43 -33.14 -33.41 8.28
CA GLU C 43 -32.40 -33.59 7.02
C GLU C 43 -32.66 -32.49 5.98
N ARG C 44 -33.97 -32.12 5.77
CA ARG C 44 -34.41 -31.04 4.86
C ARG C 44 -33.76 -29.75 5.28
N ASN C 45 -33.68 -29.49 6.61
CA ASN C 45 -33.08 -28.28 7.17
C ASN C 45 -31.56 -28.27 6.99
N LEU C 46 -30.89 -29.40 7.21
CA LEU C 46 -29.44 -29.49 7.01
C LEU C 46 -29.08 -29.14 5.58
N LEU C 47 -29.85 -29.65 4.57
CA LEU C 47 -29.63 -29.34 3.15
C LEU C 47 -29.86 -27.85 2.87
N SER C 48 -31.00 -27.30 3.37
CA SER C 48 -31.39 -25.89 3.22
C SER C 48 -30.35 -24.95 3.82
N VAL C 49 -29.90 -25.19 5.07
CA VAL C 49 -28.88 -24.39 5.81
C VAL C 49 -27.56 -24.32 5.03
N ALA C 50 -27.10 -25.50 4.57
CA ALA C 50 -25.86 -25.67 3.83
C ALA C 50 -25.85 -24.79 2.59
N TYR C 51 -26.84 -25.01 1.69
CA TYR C 51 -26.94 -24.23 0.47
C TYR C 51 -27.30 -22.76 0.71
N LYS C 52 -28.18 -22.47 1.69
CA LYS C 52 -28.53 -21.11 2.06
C LYS C 52 -27.25 -20.32 2.35
N ASN C 53 -26.34 -20.91 3.15
CA ASN C 53 -25.08 -20.29 3.51
C ASN C 53 -24.17 -20.12 2.34
N VAL C 54 -24.04 -21.16 1.51
CA VAL C 54 -23.18 -21.16 0.33
C VAL C 54 -23.60 -20.01 -0.60
N VAL C 55 -24.87 -20.03 -1.07
CA VAL C 55 -25.39 -18.99 -1.97
C VAL C 55 -25.42 -17.65 -1.31
N GLY C 56 -25.72 -17.66 -0.01
CA GLY C 56 -25.77 -16.48 0.84
C GLY C 56 -24.52 -15.64 0.70
N GLY C 57 -23.36 -16.29 0.86
CA GLY C 57 -22.05 -15.66 0.74
C GLY C 57 -21.74 -15.20 -0.66
N GLN C 58 -22.13 -16.00 -1.67
CA GLN C 58 -21.93 -15.68 -3.08
C GLN C 58 -22.74 -14.46 -3.52
N ARG C 59 -24.05 -14.45 -3.15
CA ARG C 59 -24.99 -13.37 -3.42
C ARG C 59 -24.49 -12.08 -2.78
N ALA C 60 -24.05 -12.18 -1.49
CA ALA C 60 -23.50 -11.08 -0.69
C ALA C 60 -22.34 -10.44 -1.42
N ALA C 61 -21.42 -11.28 -1.93
CA ALA C 61 -20.22 -10.90 -2.69
C ALA C 61 -20.61 -10.25 -4.02
N TRP C 62 -21.57 -10.87 -4.74
CA TRP C 62 -22.07 -10.41 -6.03
C TRP C 62 -22.71 -9.03 -5.89
N ARG C 63 -23.47 -8.80 -4.80
CA ARG C 63 -24.11 -7.52 -4.51
C ARG C 63 -23.03 -6.45 -4.31
N VAL C 64 -21.95 -6.79 -3.56
CA VAL C 64 -20.80 -5.90 -3.29
C VAL C 64 -20.18 -5.48 -4.61
N LEU C 65 -19.86 -6.46 -5.48
CA LEU C 65 -19.22 -6.23 -6.77
C LEU C 65 -20.11 -5.46 -7.75
N SER C 66 -21.40 -5.83 -7.86
CA SER C 66 -22.34 -5.16 -8.73
C SER C 66 -22.54 -3.69 -8.31
N SER C 67 -22.57 -3.40 -6.97
CA SER C 67 -22.70 -2.03 -6.46
C SER C 67 -21.46 -1.19 -6.85
N ILE C 68 -20.26 -1.79 -6.77
CA ILE C 68 -18.98 -1.17 -7.15
C ILE C 68 -19.02 -0.91 -8.66
N GLU C 69 -19.55 -1.90 -9.43
CA GLU C 69 -19.71 -1.84 -10.89
C GLU C 69 -20.69 -0.72 -11.31
N GLN C 70 -21.69 -0.44 -10.45
CA GLN C 70 -22.67 0.62 -10.64
C GLN C 70 -22.08 2.04 -10.48
N LYS C 71 -20.85 2.21 -9.91
CA LYS C 71 -20.23 3.53 -9.75
C LYS C 71 -19.70 4.14 -11.09
N SER C 72 -20.50 5.07 -11.68
CA SER C 72 -20.21 5.78 -12.94
C SER C 72 -20.97 7.10 -13.01
N GLY C 81 -13.33 0.32 -14.40
CA GLY C 81 -12.46 -0.84 -14.37
C GLY C 81 -13.09 -2.14 -14.89
N PRO C 82 -12.49 -2.78 -15.96
CA PRO C 82 -13.08 -4.04 -16.49
C PRO C 82 -13.01 -5.21 -15.52
N GLU C 83 -12.06 -5.11 -14.59
CA GLU C 83 -11.78 -6.07 -13.53
C GLU C 83 -13.01 -6.32 -12.68
N VAL C 84 -13.76 -5.25 -12.36
CA VAL C 84 -14.99 -5.29 -11.58
C VAL C 84 -15.97 -6.18 -12.30
N ARG C 85 -16.19 -5.93 -13.62
CA ARG C 85 -17.12 -6.68 -14.47
C ARG C 85 -16.67 -8.14 -14.55
N GLU C 86 -15.41 -8.37 -14.91
CA GLU C 86 -14.81 -9.70 -15.05
C GLU C 86 -15.00 -10.54 -13.79
N TYR C 87 -14.61 -9.98 -12.62
CA TYR C 87 -14.73 -10.66 -11.33
C TYR C 87 -16.17 -10.83 -10.88
N ARG C 88 -17.06 -9.84 -11.15
CA ARG C 88 -18.48 -9.96 -10.83
C ARG C 88 -19.07 -11.12 -11.67
N GLU C 89 -18.59 -11.30 -12.92
CA GLU C 89 -18.98 -12.39 -13.83
C GLU C 89 -18.52 -13.74 -13.28
N LYS C 90 -17.29 -13.79 -12.68
CA LYS C 90 -16.73 -15.02 -12.07
C LYS C 90 -17.63 -15.52 -10.95
N VAL C 91 -17.94 -14.62 -9.99
CA VAL C 91 -18.80 -14.85 -8.83
C VAL C 91 -20.22 -15.22 -9.30
N GLU C 92 -20.73 -14.50 -10.32
CA GLU C 92 -22.04 -14.74 -10.91
C GLU C 92 -22.11 -16.18 -11.43
N THR C 93 -21.17 -16.59 -12.29
CA THR C 93 -21.10 -17.94 -12.86
C THR C 93 -21.07 -19.02 -11.76
N GLU C 94 -20.27 -18.78 -10.73
CA GLU C 94 -20.08 -19.65 -9.58
C GLU C 94 -21.38 -19.83 -8.82
N LEU C 95 -22.06 -18.71 -8.52
CA LEU C 95 -23.35 -18.61 -7.83
C LEU C 95 -24.41 -19.35 -8.67
N GLN C 96 -24.46 -19.07 -10.00
CA GLN C 96 -25.41 -19.66 -10.92
C GLN C 96 -25.28 -21.19 -10.93
N GLY C 97 -24.03 -21.67 -10.87
CA GLY C 97 -23.71 -23.08 -10.82
C GLY C 97 -24.31 -23.77 -9.60
N VAL C 98 -24.25 -23.09 -8.43
CA VAL C 98 -24.80 -23.58 -7.16
C VAL C 98 -26.32 -23.70 -7.25
N CYS C 99 -26.99 -22.65 -7.71
CA CYS C 99 -28.45 -22.64 -7.89
C CYS C 99 -28.85 -23.78 -8.81
N ASP C 100 -28.17 -23.89 -9.95
CA ASP C 100 -28.39 -24.95 -10.91
C ASP C 100 -28.27 -26.35 -10.26
N THR C 101 -27.26 -26.51 -9.40
CA THR C 101 -27.01 -27.79 -8.69
C THR C 101 -28.16 -28.07 -7.72
N VAL C 102 -28.59 -27.04 -6.99
CA VAL C 102 -29.72 -27.18 -6.02
C VAL C 102 -31.03 -27.14 -6.80
N LEU C 103 -31.01 -26.54 -7.99
CA LEU C 103 -32.21 -26.43 -8.86
C LEU C 103 -32.46 -27.79 -9.54
N GLY C 104 -31.39 -28.48 -9.92
CA GLY C 104 -31.53 -29.79 -10.58
C GLY C 104 -31.66 -30.87 -9.54
N LEU C 105 -30.82 -30.78 -8.52
CA LEU C 105 -30.83 -31.74 -7.42
C LEU C 105 -32.19 -31.69 -6.77
N LEU C 106 -32.70 -30.49 -6.51
CA LEU C 106 -33.98 -30.33 -5.80
C LEU C 106 -35.05 -31.03 -6.58
N ASP C 107 -35.14 -30.83 -7.88
CA ASP C 107 -36.21 -31.53 -8.63
C ASP C 107 -35.81 -32.94 -9.05
N SER C 108 -34.54 -33.21 -9.30
CA SER C 108 -34.17 -34.59 -9.71
C SER C 108 -34.50 -35.58 -8.61
N HIS C 109 -34.29 -35.23 -7.36
CA HIS C 109 -34.63 -36.24 -6.34
C HIS C 109 -35.56 -35.75 -5.24
N LEU C 110 -35.93 -34.48 -5.12
CA LEU C 110 -36.70 -34.14 -3.89
C LEU C 110 -38.16 -33.78 -4.12
N ILE C 111 -38.53 -32.99 -5.09
CA ILE C 111 -39.99 -32.87 -5.31
C ILE C 111 -40.71 -34.08 -5.90
N LYS C 112 -39.94 -35.02 -6.43
CA LYS C 112 -40.42 -36.29 -7.01
C LYS C 112 -41.50 -36.88 -6.10
N GLU C 113 -41.47 -36.48 -4.83
CA GLU C 113 -42.43 -37.05 -3.88
C GLU C 113 -43.70 -36.15 -3.79
N ALA C 114 -44.89 -36.74 -4.10
CA ALA C 114 -46.17 -36.06 -4.02
C ALA C 114 -46.84 -36.45 -2.68
N GLY C 115 -46.00 -36.63 -1.64
CA GLY C 115 -46.36 -37.07 -0.29
C GLY C 115 -46.73 -36.06 0.78
N ASP C 116 -45.92 -35.99 1.89
CA ASP C 116 -46.14 -35.13 3.09
C ASP C 116 -46.35 -33.65 2.76
N ALA C 117 -47.46 -33.09 3.29
CA ALA C 117 -47.93 -31.71 3.12
C ALA C 117 -46.85 -30.61 3.35
N GLU C 118 -46.14 -30.61 4.51
CA GLU C 118 -45.08 -29.63 4.83
C GLU C 118 -43.89 -29.78 3.88
N SER C 119 -43.38 -31.02 3.71
CA SER C 119 -42.24 -31.37 2.86
C SER C 119 -42.49 -31.00 1.39
N ARG C 120 -43.72 -31.21 0.88
CA ARG C 120 -44.07 -30.85 -0.49
C ARG C 120 -43.78 -29.36 -0.68
N VAL C 121 -44.34 -28.50 0.21
CA VAL C 121 -44.21 -27.03 0.23
C VAL C 121 -42.74 -26.63 0.49
N PHE C 122 -42.02 -27.41 1.34
CA PHE C 122 -40.63 -27.12 1.67
C PHE C 122 -39.76 -27.05 0.42
N TYR C 123 -39.85 -28.08 -0.46
CA TYR C 123 -39.02 -28.12 -1.67
C TYR C 123 -39.56 -27.23 -2.78
N LEU C 124 -40.84 -26.88 -2.76
CA LEU C 124 -41.34 -25.94 -3.77
C LEU C 124 -40.91 -24.51 -3.47
N LYS C 125 -40.92 -24.12 -2.17
CA LYS C 125 -40.47 -22.80 -1.71
C LYS C 125 -38.99 -22.64 -2.09
N MET C 126 -38.18 -23.73 -1.89
CA MET C 126 -36.75 -23.83 -2.21
C MET C 126 -36.58 -23.56 -3.71
N LYS C 127 -37.35 -24.30 -4.57
CA LYS C 127 -37.33 -24.14 -6.03
C LYS C 127 -37.51 -22.68 -6.42
N GLY C 128 -38.37 -21.98 -5.70
CA GLY C 128 -38.63 -20.56 -5.95
C GLY C 128 -37.42 -19.77 -5.57
N ASP C 129 -36.97 -19.96 -4.32
CA ASP C 129 -35.82 -19.29 -3.77
C ASP C 129 -34.61 -19.40 -4.63
N TYR C 130 -34.32 -20.59 -5.17
CA TYR C 130 -33.12 -20.70 -5.99
C TYR C 130 -33.32 -20.13 -7.39
N TYR C 131 -34.56 -20.15 -7.93
CA TYR C 131 -34.78 -19.48 -9.22
C TYR C 131 -34.74 -17.96 -9.01
N ARG C 132 -35.05 -17.52 -7.78
CA ARG C 132 -35.01 -16.12 -7.39
C ARG C 132 -33.57 -15.65 -7.37
N TYR C 133 -32.67 -16.43 -6.79
CA TYR C 133 -31.26 -16.09 -6.73
C TYR C 133 -30.65 -16.08 -8.12
N LEU C 134 -31.23 -16.84 -9.07
CA LEU C 134 -30.79 -16.81 -10.46
C LEU C 134 -31.29 -15.55 -11.13
N ALA C 135 -32.57 -15.19 -10.87
CA ALA C 135 -33.25 -14.01 -11.44
C ALA C 135 -32.58 -12.72 -11.04
N GLU C 136 -31.99 -12.73 -9.84
CA GLU C 136 -31.30 -11.61 -9.25
C GLU C 136 -30.11 -11.19 -10.15
N VAL C 137 -29.25 -12.16 -10.45
CA VAL C 137 -28.06 -12.00 -11.28
C VAL C 137 -28.41 -12.00 -12.78
N ALA C 138 -29.65 -12.50 -13.16
CA ALA C 138 -30.14 -12.62 -14.55
C ALA C 138 -30.24 -11.30 -15.23
N THR C 139 -29.65 -11.24 -16.41
CA THR C 139 -29.54 -10.04 -17.22
C THR C 139 -30.02 -10.29 -18.62
N GLY C 140 -29.81 -11.51 -19.11
CA GLY C 140 -30.16 -11.93 -20.46
C GLY C 140 -31.62 -11.96 -20.82
N ASP C 141 -31.93 -12.80 -21.80
CA ASP C 141 -33.28 -12.97 -22.30
C ASP C 141 -33.89 -14.23 -21.64
N ASP C 142 -33.06 -14.80 -20.76
CA ASP C 142 -33.34 -15.91 -19.89
C ASP C 142 -34.07 -15.37 -18.63
N LYS C 143 -33.89 -14.04 -18.30
CA LYS C 143 -34.50 -13.36 -17.15
C LYS C 143 -36.00 -13.66 -17.09
N LYS C 144 -36.71 -13.52 -18.24
CA LYS C 144 -38.15 -13.80 -18.34
C LYS C 144 -38.51 -15.23 -17.92
N ARG C 145 -37.84 -16.26 -18.53
CA ARG C 145 -38.06 -17.69 -18.24
C ARG C 145 -37.71 -18.04 -16.78
N ILE C 146 -36.64 -17.42 -16.20
CA ILE C 146 -36.21 -17.64 -14.82
C ILE C 146 -37.28 -17.06 -13.89
N ILE C 147 -37.63 -15.78 -14.10
CA ILE C 147 -38.67 -15.12 -13.31
C ILE C 147 -39.94 -15.97 -13.25
N ASP C 148 -40.34 -16.52 -14.40
CA ASP C 148 -41.52 -17.37 -14.49
C ASP C 148 -41.38 -18.70 -13.77
N SER C 149 -40.20 -19.35 -13.91
CA SER C 149 -39.88 -20.60 -13.20
C SER C 149 -39.99 -20.39 -11.67
N ALA C 150 -39.52 -19.20 -11.17
CA ALA C 150 -39.61 -18.77 -9.77
C ALA C 150 -41.08 -18.62 -9.38
N ARG C 151 -41.86 -17.82 -10.17
CA ARG C 151 -43.28 -17.53 -9.97
C ARG C 151 -44.08 -18.83 -9.81
N SER C 152 -43.89 -19.79 -10.75
CA SER C 152 -44.56 -21.09 -10.81
C SER C 152 -44.36 -21.90 -9.55
N ALA C 153 -43.09 -22.06 -9.12
CA ALA C 153 -42.69 -22.80 -7.92
C ALA C 153 -43.46 -22.25 -6.72
N TYR C 154 -43.27 -20.94 -6.44
CA TYR C 154 -43.93 -20.19 -5.34
C TYR C 154 -45.46 -20.25 -5.38
N GLN C 155 -46.06 -20.15 -6.60
CA GLN C 155 -47.51 -20.23 -6.79
C GLN C 155 -48.03 -21.65 -6.52
N GLU C 156 -47.34 -22.69 -7.04
CA GLU C 156 -47.68 -24.09 -6.83
C GLU C 156 -47.61 -24.38 -5.32
N ALA C 157 -46.54 -23.92 -4.64
CA ALA C 157 -46.33 -24.03 -3.19
C ALA C 157 -47.43 -23.27 -2.42
N MET C 158 -47.80 -22.05 -2.90
CA MET C 158 -48.84 -21.21 -2.31
C MET C 158 -50.16 -21.95 -2.25
N ASP C 159 -50.53 -22.55 -3.38
CA ASP C 159 -51.76 -23.31 -3.54
C ASP C 159 -51.86 -24.45 -2.52
N ILE C 160 -50.75 -25.19 -2.33
CA ILE C 160 -50.68 -26.27 -1.36
C ILE C 160 -50.74 -25.72 0.07
N SER C 161 -49.93 -24.69 0.38
CA SER C 161 -49.91 -24.10 1.72
C SER C 161 -51.36 -23.71 2.01
N LYS C 162 -51.93 -22.74 1.25
CA LYS C 162 -53.29 -22.30 1.45
C LYS C 162 -54.39 -23.36 1.67
N LYS C 163 -54.24 -24.56 1.08
CA LYS C 163 -55.20 -25.64 1.29
C LYS C 163 -54.87 -26.40 2.57
N GLU C 164 -53.74 -27.12 2.56
CA GLU C 164 -53.24 -28.02 3.60
C GLU C 164 -52.71 -27.40 4.91
N MET C 165 -52.31 -26.11 4.92
CA MET C 165 -51.71 -25.54 6.13
C MET C 165 -52.47 -24.38 6.78
N PRO C 166 -52.32 -24.18 8.12
CA PRO C 166 -52.96 -23.01 8.75
C PRO C 166 -52.13 -21.74 8.44
N PRO C 167 -52.71 -20.51 8.52
CA PRO C 167 -51.91 -19.30 8.20
C PRO C 167 -50.74 -19.02 9.15
N THR C 168 -50.66 -19.75 10.28
CA THR C 168 -49.60 -19.62 11.28
C THR C 168 -48.43 -20.57 11.01
N ASN C 169 -48.58 -21.50 10.04
CA ASN C 169 -47.52 -22.46 9.72
C ASN C 169 -46.25 -21.73 9.28
N PRO C 170 -45.10 -21.93 9.99
CA PRO C 170 -43.86 -21.24 9.61
C PRO C 170 -43.40 -21.48 8.18
N ILE C 171 -43.70 -22.67 7.61
CA ILE C 171 -43.36 -23.00 6.22
C ILE C 171 -44.25 -22.16 5.29
N ARG C 172 -45.56 -22.04 5.61
CA ARG C 172 -46.51 -21.22 4.85
C ARG C 172 -46.08 -19.76 4.93
N LEU C 173 -45.78 -19.28 6.17
CA LEU C 173 -45.33 -17.92 6.46
C LEU C 173 -44.06 -17.57 5.72
N GLY C 174 -43.05 -18.43 5.80
CA GLY C 174 -41.76 -18.29 5.14
C GLY C 174 -41.92 -18.17 3.64
N LEU C 175 -42.75 -19.04 3.06
CA LEU C 175 -43.03 -19.06 1.63
C LEU C 175 -43.60 -17.75 1.17
N ALA C 176 -44.67 -17.29 1.85
CA ALA C 176 -45.36 -16.04 1.53
C ALA C 176 -44.41 -14.82 1.61
N LEU C 177 -43.50 -14.84 2.62
CA LEU C 177 -42.48 -13.82 2.84
C LEU C 177 -41.57 -13.76 1.62
N ASN C 178 -41.02 -14.91 1.21
CA ASN C 178 -40.14 -15.00 0.06
C ASN C 178 -40.85 -14.70 -1.27
N PHE C 179 -42.15 -15.07 -1.41
CA PHE C 179 -42.94 -14.78 -2.63
C PHE C 179 -43.18 -13.29 -2.72
N SER C 180 -43.46 -12.59 -1.56
CA SER C 180 -43.67 -11.14 -1.52
C SER C 180 -42.36 -10.44 -1.93
N VAL C 181 -41.22 -10.95 -1.42
CA VAL C 181 -39.88 -10.47 -1.76
C VAL C 181 -39.72 -10.64 -3.25
N PHE C 182 -40.12 -11.81 -3.78
CA PHE C 182 -40.11 -12.10 -5.20
C PHE C 182 -40.95 -11.07 -5.95
N HIS C 183 -42.14 -10.72 -5.43
CA HIS C 183 -42.96 -9.72 -6.09
C HIS C 183 -42.28 -8.37 -6.11
N TYR C 184 -41.78 -7.89 -4.93
CA TYR C 184 -41.16 -6.59 -4.79
C TYR C 184 -39.90 -6.41 -5.63
N GLU C 185 -38.88 -7.22 -5.32
CA GLU C 185 -37.57 -7.20 -5.96
C GLU C 185 -37.60 -7.62 -7.43
N ILE C 186 -37.83 -8.93 -7.68
CA ILE C 186 -37.77 -9.60 -8.98
C ILE C 186 -38.86 -9.18 -9.97
N ALA C 187 -40.14 -9.40 -9.63
CA ALA C 187 -41.27 -9.12 -10.49
C ALA C 187 -41.58 -7.63 -10.65
N ASN C 188 -40.99 -6.79 -9.77
CA ASN C 188 -41.21 -5.34 -9.72
C ASN C 188 -42.74 -5.02 -9.61
N SER C 189 -43.40 -5.74 -8.69
CA SER C 189 -44.81 -5.58 -8.35
C SER C 189 -44.89 -5.25 -6.83
N PRO C 190 -44.53 -3.99 -6.44
CA PRO C 190 -44.57 -3.62 -5.02
C PRO C 190 -45.95 -3.69 -4.39
N GLU C 191 -46.99 -3.38 -5.17
CA GLU C 191 -48.40 -3.39 -4.76
C GLU C 191 -48.81 -4.80 -4.33
N GLU C 192 -48.52 -5.79 -5.20
CA GLU C 192 -48.77 -7.23 -5.01
C GLU C 192 -47.98 -7.74 -3.80
N ALA C 193 -46.70 -7.27 -3.66
CA ALA C 193 -45.77 -7.60 -2.58
C ALA C 193 -46.28 -7.12 -1.22
N ILE C 194 -46.62 -5.83 -1.13
CA ILE C 194 -47.14 -5.22 0.09
C ILE C 194 -48.42 -5.92 0.54
N SER C 195 -49.36 -6.14 -0.38
CA SER C 195 -50.62 -6.83 -0.11
C SER C 195 -50.40 -8.25 0.43
N LEU C 196 -49.53 -9.05 -0.24
CA LEU C 196 -49.21 -10.42 0.17
C LEU C 196 -48.67 -10.43 1.59
N ALA C 197 -47.65 -9.59 1.86
CA ALA C 197 -47.06 -9.44 3.18
C ALA C 197 -48.11 -9.02 4.25
N LYS C 198 -48.96 -8.01 3.93
CA LYS C 198 -50.04 -7.52 4.79
C LYS C 198 -50.97 -8.70 5.14
N THR C 199 -51.64 -9.27 4.11
CA THR C 199 -52.58 -10.40 4.22
C THR C 199 -51.98 -11.53 5.07
N THR C 200 -50.76 -11.98 4.71
CA THR C 200 -50.03 -13.04 5.40
C THR C 200 -49.93 -12.78 6.90
N PHE C 201 -49.39 -11.59 7.27
CA PHE C 201 -49.25 -11.18 8.65
C PHE C 201 -50.61 -11.10 9.38
N ASP C 202 -51.56 -10.35 8.79
CA ASP C 202 -52.90 -10.14 9.35
C ASP C 202 -53.64 -11.47 9.61
N GLU C 203 -53.49 -12.45 8.68
CA GLU C 203 -54.12 -13.78 8.80
C GLU C 203 -53.48 -14.65 9.88
N ALA C 204 -52.15 -14.57 10.02
CA ALA C 204 -51.43 -15.31 11.04
C ALA C 204 -51.72 -14.70 12.42
N MET C 205 -51.94 -13.36 12.48
CA MET C 205 -52.29 -12.62 13.71
C MET C 205 -53.64 -13.07 14.32
N ALA C 206 -54.71 -13.32 13.51
CA ALA C 206 -56.00 -13.79 14.05
C ALA C 206 -55.93 -15.34 14.17
N ASP C 207 -55.27 -15.79 15.25
CA ASP C 207 -55.12 -17.25 15.52
C ASP C 207 -54.95 -17.47 17.02
N LEU C 208 -54.67 -18.73 17.33
CA LEU C 208 -54.51 -19.37 18.66
C LEU C 208 -53.70 -20.54 18.10
N HIS C 209 -53.36 -21.50 18.97
CA HIS C 209 -52.63 -22.78 18.71
C HIS C 209 -51.62 -22.81 19.86
N SER C 215 -40.96 -24.43 15.94
CA SER C 215 -42.23 -24.24 16.72
C SER C 215 -42.73 -22.82 16.49
N TYR C 216 -42.29 -21.88 17.33
CA TYR C 216 -42.68 -20.46 17.15
C TYR C 216 -41.33 -19.77 17.18
N LYS C 217 -40.31 -20.50 17.65
CA LYS C 217 -38.92 -19.97 17.69
C LYS C 217 -38.72 -19.19 16.38
N ASP C 218 -38.83 -19.91 15.26
CA ASP C 218 -38.72 -19.30 13.92
C ASP C 218 -39.98 -18.53 13.50
N SER C 219 -41.16 -18.98 13.92
CA SER C 219 -42.41 -18.29 13.52
C SER C 219 -42.35 -16.80 13.89
N THR C 220 -41.91 -16.50 15.12
CA THR C 220 -41.82 -15.09 15.60
C THR C 220 -41.04 -14.25 14.60
N LEU C 221 -39.77 -14.60 14.36
CA LEU C 221 -38.92 -13.81 13.43
C LEU C 221 -39.61 -13.67 12.07
N ILE C 222 -40.13 -14.78 11.53
CA ILE C 222 -40.85 -14.81 10.23
C ILE C 222 -41.85 -13.65 10.22
N MET C 223 -42.78 -13.64 11.16
CA MET C 223 -43.77 -12.53 11.22
C MET C 223 -43.03 -11.19 11.31
N GLN C 224 -42.02 -11.08 12.18
CA GLN C 224 -41.25 -9.83 12.37
C GLN C 224 -40.60 -9.40 11.06
N LEU C 225 -40.02 -10.33 10.32
CA LEU C 225 -39.38 -9.98 9.02
C LEU C 225 -40.40 -9.28 8.16
N LEU C 226 -41.57 -9.91 7.98
CA LEU C 226 -42.67 -9.31 7.19
C LEU C 226 -42.93 -7.91 7.75
N ARG C 227 -43.20 -7.83 9.05
CA ARG C 227 -43.52 -6.54 9.64
C ARG C 227 -42.40 -5.54 9.29
N ASP C 228 -41.13 -6.01 9.27
CA ASP C 228 -39.94 -5.21 8.95
C ASP C 228 -39.95 -4.83 7.48
N ASN C 229 -40.32 -5.81 6.61
CA ASN C 229 -40.46 -5.63 5.16
C ASN C 229 -41.56 -4.63 4.85
N LEU C 230 -42.73 -4.80 5.49
CA LEU C 230 -43.87 -3.90 5.31
C LEU C 230 -43.53 -2.49 5.68
N THR C 231 -42.82 -2.31 6.82
CA THR C 231 -42.37 -1.00 7.32
C THR C 231 -41.44 -0.32 6.30
N LEU C 232 -40.49 -1.11 5.73
CA LEU C 232 -39.52 -0.70 4.74
C LEU C 232 -40.20 -0.30 3.43
N TRP C 233 -41.10 -1.18 2.92
CA TRP C 233 -41.79 -0.99 1.64
C TRP C 233 -42.84 0.12 1.64
N THR C 234 -43.58 0.30 2.77
CA THR C 234 -44.66 1.30 2.86
C THR C 234 -44.22 2.63 3.51
N GLY C 235 -43.31 2.53 4.49
CA GLY C 235 -42.85 3.66 5.30
C GLY C 235 -43.29 3.55 6.75
N SER C 236 -42.66 4.36 7.64
CA SER C 236 -42.89 4.45 9.10
C SER C 236 -42.01 5.54 9.71
N HIS D 3 5.24 -6.82 -17.25
CA HIS D 3 3.81 -7.08 -17.28
C HIS D 3 3.11 -6.44 -16.07
N MET D 4 2.32 -5.36 -16.31
CA MET D 4 1.55 -4.67 -15.27
C MET D 4 0.02 -4.95 -15.45
N GLU D 5 -0.30 -6.25 -15.65
CA GLU D 5 -1.62 -6.89 -15.67
C GLU D 5 -1.77 -7.24 -14.20
N ARG D 6 -0.63 -7.17 -13.50
CA ARG D 6 -0.42 -7.31 -12.08
C ARG D 6 -1.34 -6.29 -11.36
N ALA D 7 -1.51 -5.10 -11.99
CA ALA D 7 -2.38 -4.03 -11.49
C ALA D 7 -3.80 -4.54 -11.35
N SER D 8 -4.32 -5.25 -12.39
CA SER D 8 -5.64 -5.88 -12.45
C SER D 8 -5.77 -6.97 -11.39
N LEU D 9 -4.73 -7.80 -11.18
CA LEU D 9 -4.71 -8.86 -10.16
C LEU D 9 -4.80 -8.29 -8.76
N ILE D 10 -4.08 -7.17 -8.52
CA ILE D 10 -4.08 -6.43 -7.26
C ILE D 10 -5.45 -5.78 -7.08
N GLN D 11 -6.01 -5.22 -8.18
CA GLN D 11 -7.33 -4.61 -8.17
C GLN D 11 -8.37 -5.64 -7.78
N LYS D 12 -8.29 -6.84 -8.37
CA LYS D 12 -9.19 -7.97 -8.12
C LYS D 12 -9.01 -8.55 -6.72
N ALA D 13 -7.78 -8.49 -6.17
CA ALA D 13 -7.51 -8.95 -4.80
C ALA D 13 -8.16 -8.00 -3.79
N LYS D 14 -8.15 -6.67 -4.09
CA LYS D 14 -8.78 -5.63 -3.27
C LYS D 14 -10.29 -5.79 -3.32
N LEU D 15 -10.83 -6.13 -4.52
CA LEU D 15 -12.25 -6.39 -4.77
C LEU D 15 -12.71 -7.65 -4.03
N ALA D 16 -11.87 -8.70 -4.05
CA ALA D 16 -12.16 -9.94 -3.37
C ALA D 16 -12.17 -9.71 -1.86
N GLU D 17 -11.31 -8.80 -1.36
CA GLU D 17 -11.25 -8.47 0.06
C GLU D 17 -12.55 -7.81 0.47
N GLN D 18 -13.02 -6.84 -0.33
CA GLN D 18 -14.27 -6.11 -0.09
C GLN D 18 -15.45 -7.06 -0.05
N ALA D 19 -15.42 -8.09 -0.91
CA ALA D 19 -16.47 -9.12 -1.02
C ALA D 19 -16.27 -10.28 -0.03
N GLU D 20 -15.24 -10.19 0.84
CA GLU D 20 -14.91 -11.19 1.86
C GLU D 20 -14.68 -12.59 1.26
N ARG D 21 -14.06 -12.62 0.07
CA ARG D 21 -13.74 -13.82 -0.72
C ARG D 21 -12.24 -13.95 -0.66
N TYR D 22 -11.73 -14.41 0.48
CA TYR D 22 -10.32 -14.51 0.78
C TYR D 22 -9.64 -15.65 0.04
N GLU D 23 -10.37 -16.72 -0.34
CA GLU D 23 -9.84 -17.82 -1.14
C GLU D 23 -9.42 -17.24 -2.49
N ASP D 24 -10.32 -16.42 -3.10
CA ASP D 24 -10.12 -15.73 -4.38
C ASP D 24 -9.01 -14.70 -4.26
N MET D 25 -9.00 -13.93 -3.17
CA MET D 25 -8.03 -12.88 -2.87
C MET D 25 -6.60 -13.43 -2.81
N ALA D 26 -6.44 -14.57 -2.15
CA ALA D 26 -5.15 -15.26 -2.03
C ALA D 26 -4.68 -15.71 -3.41
N ALA D 27 -5.60 -16.25 -4.23
CA ALA D 27 -5.32 -16.69 -5.58
C ALA D 27 -4.80 -15.55 -6.44
N PHE D 28 -5.43 -14.37 -6.35
CA PHE D 28 -5.05 -13.16 -7.09
C PHE D 28 -3.73 -12.68 -6.61
N MET D 29 -3.50 -12.71 -5.29
CA MET D 29 -2.24 -12.27 -4.71
C MET D 29 -1.10 -13.18 -5.11
N LYS D 30 -1.34 -14.51 -5.16
CA LYS D 30 -0.34 -15.50 -5.59
C LYS D 30 0.06 -15.17 -7.03
N GLY D 31 -0.94 -14.91 -7.88
CA GLY D 31 -0.74 -14.55 -9.28
C GLY D 31 0.02 -13.25 -9.47
N ALA D 32 -0.20 -12.28 -8.56
CA ALA D 32 0.45 -10.97 -8.55
C ALA D 32 1.91 -11.12 -8.13
N VAL D 33 2.16 -11.99 -7.13
CA VAL D 33 3.51 -12.29 -6.64
C VAL D 33 4.28 -12.91 -7.81
N GLU D 34 3.64 -13.88 -8.49
CA GLU D 34 4.22 -14.64 -9.60
C GLU D 34 4.60 -13.77 -10.82
N LYS D 35 4.20 -12.47 -10.81
CA LYS D 35 4.58 -11.50 -11.86
C LYS D 35 6.03 -11.07 -11.68
N GLY D 36 6.58 -11.33 -10.49
CA GLY D 36 7.98 -11.09 -10.19
C GLY D 36 8.34 -9.78 -9.54
N GLU D 37 7.40 -8.80 -9.50
CA GLU D 37 7.70 -7.51 -8.87
C GLU D 37 7.60 -7.62 -7.34
N GLU D 38 8.41 -6.85 -6.59
CA GLU D 38 8.40 -6.86 -5.12
C GLU D 38 7.15 -6.16 -4.63
N LEU D 39 6.52 -6.75 -3.61
CA LEU D 39 5.27 -6.20 -3.07
C LEU D 39 5.54 -4.96 -2.23
N SER D 40 4.76 -3.89 -2.47
CA SER D 40 4.84 -2.64 -1.69
C SER D 40 4.28 -2.95 -0.31
N CYS D 41 4.53 -2.10 0.71
CA CYS D 41 3.98 -2.38 2.05
C CYS D 41 2.48 -2.75 2.01
N GLU D 42 1.71 -2.03 1.19
CA GLU D 42 0.29 -2.27 0.96
C GLU D 42 0.07 -3.69 0.39
N GLU D 43 0.79 -4.04 -0.69
CA GLU D 43 0.67 -5.32 -1.41
C GLU D 43 1.11 -6.52 -0.57
N ARG D 44 2.11 -6.34 0.32
CA ARG D 44 2.61 -7.35 1.26
C ARG D 44 1.46 -7.74 2.21
N ASN D 45 0.72 -6.72 2.74
CA ASN D 45 -0.43 -6.87 3.64
C ASN D 45 -1.60 -7.54 2.92
N LEU D 46 -1.83 -7.20 1.64
CA LEU D 46 -2.90 -7.82 0.83
C LEU D 46 -2.69 -9.32 0.70
N LEU D 47 -1.44 -9.77 0.56
CA LEU D 47 -1.08 -11.19 0.49
C LEU D 47 -1.26 -11.87 1.86
N SER D 48 -0.72 -11.23 2.92
CA SER D 48 -0.80 -11.71 4.30
C SER D 48 -2.25 -11.87 4.77
N VAL D 49 -3.11 -10.83 4.58
CA VAL D 49 -4.55 -10.81 4.97
C VAL D 49 -5.29 -11.97 4.31
N ALA D 50 -5.09 -12.14 2.99
CA ALA D 50 -5.73 -13.16 2.16
C ALA D 50 -5.46 -14.53 2.72
N TYR D 51 -4.17 -14.92 2.81
CA TYR D 51 -3.79 -16.23 3.33
C TYR D 51 -4.09 -16.39 4.81
N LYS D 52 -3.89 -15.33 5.63
CA LYS D 52 -4.21 -15.36 7.05
C LYS D 52 -5.66 -15.79 7.24
N ASN D 53 -6.58 -15.20 6.45
CA ASN D 53 -8.00 -15.52 6.50
C ASN D 53 -8.30 -16.93 6.04
N VAL D 54 -7.67 -17.34 4.92
CA VAL D 54 -7.85 -18.68 4.36
C VAL D 54 -7.49 -19.74 5.40
N VAL D 55 -6.22 -19.71 5.87
CA VAL D 55 -5.72 -20.67 6.86
C VAL D 55 -6.45 -20.53 8.18
N GLY D 56 -6.80 -19.29 8.51
CA GLY D 56 -7.55 -18.94 9.71
C GLY D 56 -8.80 -19.78 9.87
N GLY D 57 -9.61 -19.81 8.80
CA GLY D 57 -10.84 -20.59 8.73
C GLY D 57 -10.61 -22.08 8.79
N GLN D 58 -9.56 -22.56 8.11
CA GLN D 58 -9.18 -23.98 8.06
C GLN D 58 -8.72 -24.48 9.43
N ARG D 59 -7.82 -23.71 10.09
CA ARG D 59 -7.29 -23.99 11.42
C ARG D 59 -8.44 -24.03 12.43
N ALA D 60 -9.37 -23.05 12.35
CA ALA D 60 -10.55 -22.91 13.18
C ALA D 60 -11.40 -24.15 13.11
N ALA D 61 -11.63 -24.64 11.87
CA ALA D 61 -12.41 -25.83 11.55
C ALA D 61 -11.70 -27.09 12.08
N TRP D 62 -10.38 -27.18 11.86
CA TRP D 62 -9.54 -28.29 12.27
C TRP D 62 -9.54 -28.42 13.79
N ARG D 63 -9.46 -27.28 14.52
CA ARG D 63 -9.50 -27.24 15.98
C ARG D 63 -10.85 -27.80 16.48
N VAL D 64 -11.97 -27.38 15.83
CA VAL D 64 -13.34 -27.82 16.14
C VAL D 64 -13.39 -29.33 16.02
N LEU D 65 -12.94 -29.88 14.87
CA LEU D 65 -12.97 -31.31 14.59
C LEU D 65 -12.06 -32.13 15.50
N SER D 66 -10.81 -31.64 15.72
CA SER D 66 -9.85 -32.32 16.61
C SER D 66 -10.39 -32.38 18.05
N SER D 67 -11.04 -31.29 18.54
CA SER D 67 -11.65 -31.26 19.88
C SER D 67 -12.79 -32.31 20.02
N ILE D 68 -13.63 -32.46 18.95
CA ILE D 68 -14.71 -33.43 18.84
C ILE D 68 -14.08 -34.82 18.84
N GLU D 69 -12.96 -34.98 18.09
CA GLU D 69 -12.19 -36.22 17.98
C GLU D 69 -11.58 -36.63 19.32
N GLN D 70 -11.23 -35.63 20.17
CA GLN D 70 -10.70 -35.83 21.54
C GLN D 70 -11.78 -36.32 22.49
N LYS D 71 -13.04 -35.86 22.26
CA LYS D 71 -14.23 -36.26 23.01
C LYS D 71 -14.61 -37.71 22.64
N SER D 72 -14.64 -38.04 21.33
CA SER D 72 -14.96 -39.37 20.81
C SER D 72 -13.82 -39.95 19.99
N ALA D 80 -15.61 -43.40 19.37
CA ALA D 80 -15.60 -44.61 18.54
C ALA D 80 -16.35 -44.44 17.17
N GLY D 81 -15.97 -43.39 16.43
CA GLY D 81 -16.52 -43.04 15.12
C GLY D 81 -15.45 -42.53 14.15
N PRO D 82 -15.24 -43.21 13.00
CA PRO D 82 -14.18 -42.83 12.06
C PRO D 82 -14.45 -41.50 11.36
N GLU D 83 -15.68 -41.30 10.88
CA GLU D 83 -16.07 -40.06 10.17
C GLU D 83 -15.38 -38.82 10.74
N VAL D 84 -15.34 -38.66 12.06
CA VAL D 84 -14.70 -37.42 12.61
C VAL D 84 -13.24 -37.41 12.18
N ARG D 85 -12.57 -38.54 12.33
CA ARG D 85 -11.14 -38.64 11.98
C ARG D 85 -10.98 -38.34 10.49
N GLU D 86 -11.84 -38.92 9.66
CA GLU D 86 -11.73 -38.74 8.20
C GLU D 86 -11.94 -37.28 7.82
N TYR D 87 -12.95 -36.63 8.38
CA TYR D 87 -13.23 -35.22 8.04
C TYR D 87 -12.08 -34.35 8.53
N ARG D 88 -11.56 -34.66 9.70
CA ARG D 88 -10.45 -33.88 10.28
C ARG D 88 -9.26 -34.01 9.33
N GLU D 89 -8.98 -35.21 8.84
CA GLU D 89 -7.87 -35.45 7.89
C GLU D 89 -8.13 -34.68 6.60
N LYS D 90 -9.38 -34.61 6.15
CA LYS D 90 -9.65 -33.89 4.88
C LYS D 90 -9.31 -32.41 5.05
N VAL D 91 -9.86 -31.80 6.09
CA VAL D 91 -9.67 -30.35 6.38
C VAL D 91 -8.18 -30.12 6.61
N GLU D 92 -7.55 -31.00 7.38
CA GLU D 92 -6.12 -30.87 7.72
C GLU D 92 -5.31 -30.95 6.41
N THR D 93 -5.65 -31.87 5.53
CA THR D 93 -4.89 -32.00 4.26
C THR D 93 -5.04 -30.73 3.45
N GLU D 94 -6.25 -30.18 3.41
CA GLU D 94 -6.53 -28.95 2.62
C GLU D 94 -5.68 -27.80 3.17
N LEU D 95 -5.66 -27.68 4.51
CA LEU D 95 -4.92 -26.61 5.19
C LEU D 95 -3.43 -26.78 4.92
N GLN D 96 -2.94 -28.03 4.92
CA GLN D 96 -1.52 -28.35 4.65
C GLN D 96 -1.20 -27.91 3.23
N GLY D 97 -2.09 -28.19 2.29
CA GLY D 97 -1.84 -27.78 0.90
C GLY D 97 -1.73 -26.27 0.82
N VAL D 98 -2.62 -25.56 1.50
CA VAL D 98 -2.55 -24.08 1.43
C VAL D 98 -1.21 -23.62 2.03
N CYS D 99 -0.81 -24.20 3.16
CA CYS D 99 0.45 -23.78 3.81
C CYS D 99 1.62 -24.04 2.87
N ASP D 100 1.66 -25.26 2.34
CA ASP D 100 2.73 -25.66 1.40
C ASP D 100 2.74 -24.65 0.26
N THR D 101 1.56 -24.32 -0.27
CA THR D 101 1.55 -23.38 -1.41
C THR D 101 2.15 -22.04 -0.97
N VAL D 102 1.71 -21.54 0.18
CA VAL D 102 2.21 -20.24 0.66
C VAL D 102 3.70 -20.36 0.94
N LEU D 103 4.11 -21.40 1.65
CA LEU D 103 5.55 -21.54 1.96
C LEU D 103 6.33 -21.57 0.65
N GLY D 104 5.76 -22.15 -0.41
CA GLY D 104 6.46 -22.21 -1.70
C GLY D 104 6.70 -20.82 -2.25
N LEU D 105 5.64 -20.13 -2.65
CA LEU D 105 5.78 -18.79 -3.26
C LEU D 105 6.80 -17.99 -2.46
N LEU D 106 6.89 -18.24 -1.16
CA LEU D 106 7.89 -17.51 -0.35
C LEU D 106 9.29 -17.94 -0.79
N ASP D 107 9.50 -19.25 -0.88
CA ASP D 107 10.82 -19.86 -1.23
C ASP D 107 11.08 -19.82 -2.73
N SER D 108 10.10 -19.43 -3.54
CA SER D 108 10.35 -19.40 -5.01
C SER D 108 10.81 -18.01 -5.41
N HIS D 109 9.97 -17.00 -5.16
CA HIS D 109 10.27 -15.60 -5.53
C HIS D 109 9.46 -14.63 -4.65
N LEU D 110 10.01 -14.30 -3.48
CA LEU D 110 9.40 -13.37 -2.49
C LEU D 110 10.70 -13.29 -1.68
N ILE D 111 10.80 -14.15 -0.66
CA ILE D 111 11.90 -14.12 0.34
C ILE D 111 13.34 -14.08 -0.23
N LYS D 112 13.51 -14.48 -1.50
CA LYS D 112 14.83 -14.44 -2.15
C LYS D 112 15.30 -12.99 -2.19
N GLU D 113 14.39 -12.08 -2.56
CA GLU D 113 14.67 -10.63 -2.66
C GLU D 113 15.36 -10.16 -1.37
N ALA D 114 16.62 -9.73 -1.50
CA ALA D 114 17.41 -9.16 -0.38
C ALA D 114 17.00 -7.69 -0.23
N GLY D 115 15.76 -7.45 0.22
CA GLY D 115 15.18 -6.10 0.35
C GLY D 115 15.44 -5.44 1.70
N ASP D 116 14.62 -4.42 1.99
CA ASP D 116 14.70 -3.55 3.19
C ASP D 116 14.33 -4.31 4.47
N ALA D 117 14.61 -3.70 5.62
CA ALA D 117 14.43 -4.35 6.94
C ALA D 117 12.99 -4.84 7.10
N GLU D 118 12.00 -4.06 6.70
CA GLU D 118 10.61 -4.56 6.80
C GLU D 118 10.45 -5.81 5.92
N SER D 119 11.02 -5.81 4.70
CA SER D 119 10.81 -6.97 3.80
C SER D 119 11.39 -8.27 4.35
N ARG D 120 12.64 -8.27 4.83
CA ARG D 120 13.23 -9.56 5.26
C ARG D 120 12.43 -10.09 6.45
N VAL D 121 12.11 -9.21 7.39
CA VAL D 121 11.38 -9.59 8.63
C VAL D 121 10.02 -10.17 8.27
N PHE D 122 9.16 -9.33 7.71
CA PHE D 122 7.75 -9.70 7.41
C PHE D 122 7.73 -11.01 6.61
N TYR D 123 8.61 -11.14 5.62
CA TYR D 123 8.67 -12.35 4.78
C TYR D 123 9.13 -13.56 5.59
N LEU D 124 10.16 -13.41 6.43
CA LEU D 124 10.62 -14.62 7.16
C LEU D 124 9.57 -15.01 8.20
N LYS D 125 9.03 -14.00 8.87
CA LYS D 125 8.00 -14.10 9.90
C LYS D 125 6.89 -14.99 9.32
N MET D 126 6.42 -14.65 8.10
CA MET D 126 5.42 -15.39 7.34
C MET D 126 5.87 -16.84 7.20
N LYS D 127 7.19 -17.06 6.95
CA LYS D 127 7.78 -18.39 6.82
C LYS D 127 7.50 -19.18 8.09
N GLY D 128 7.95 -18.62 9.22
CA GLY D 128 7.75 -19.20 10.54
C GLY D 128 6.29 -19.47 10.79
N ASP D 129 5.44 -18.43 10.58
CA ASP D 129 3.98 -18.43 10.72
C ASP D 129 3.35 -19.63 10.05
N TYR D 130 3.65 -19.84 8.77
CA TYR D 130 3.05 -20.94 8.03
C TYR D 130 3.67 -22.26 8.40
N TYR D 131 4.95 -22.28 8.83
CA TYR D 131 5.54 -23.53 9.34
C TYR D 131 4.88 -23.88 10.68
N ARG D 132 4.56 -22.87 11.52
CA ARG D 132 3.88 -23.02 12.80
C ARG D 132 2.46 -23.58 12.60
N TYR D 133 1.80 -23.23 11.46
CA TYR D 133 0.46 -23.73 11.14
C TYR D 133 0.52 -25.19 10.73
N LEU D 134 1.64 -25.60 10.09
CA LEU D 134 1.89 -26.98 9.70
C LEU D 134 2.19 -27.80 10.94
N ALA D 135 2.94 -27.19 11.89
CA ALA D 135 3.31 -27.82 13.15
C ALA D 135 2.07 -28.11 13.97
N GLU D 136 1.13 -27.15 14.04
CA GLU D 136 -0.14 -27.28 14.77
C GLU D 136 -0.87 -28.60 14.42
N VAL D 137 -0.72 -29.05 13.16
CA VAL D 137 -1.35 -30.25 12.59
C VAL D 137 -0.35 -31.42 12.40
N ALA D 138 0.96 -31.14 12.55
CA ALA D 138 2.00 -32.15 12.39
C ALA D 138 2.06 -33.10 13.57
N THR D 139 2.41 -34.36 13.30
CA THR D 139 2.50 -35.40 14.37
C THR D 139 3.69 -36.33 14.07
N GLY D 140 3.97 -37.26 14.98
CA GLY D 140 5.09 -38.21 14.80
C GLY D 140 6.43 -37.52 14.98
N ASP D 141 7.25 -37.52 13.92
CA ASP D 141 8.59 -36.88 13.95
C ASP D 141 8.61 -35.69 12.99
N ASP D 142 7.71 -35.70 11.99
CA ASP D 142 7.63 -34.60 10.99
C ASP D 142 7.38 -33.28 11.72
N LYS D 143 6.55 -33.29 12.76
CA LYS D 143 6.24 -32.08 13.56
C LYS D 143 7.55 -31.58 14.17
N LYS D 144 8.38 -32.47 14.70
CA LYS D 144 9.66 -32.00 15.29
C LYS D 144 10.49 -31.33 14.19
N ARG D 145 10.57 -31.94 13.01
CA ARG D 145 11.40 -31.31 11.94
C ARG D 145 10.83 -29.94 11.56
N ILE D 146 9.50 -29.84 11.42
CA ILE D 146 8.86 -28.57 11.01
C ILE D 146 9.11 -27.50 12.05
N ILE D 147 9.02 -27.87 13.33
CA ILE D 147 9.20 -26.91 14.45
C ILE D 147 10.52 -26.20 14.23
N ASP D 148 11.51 -26.96 13.74
CA ASP D 148 12.82 -26.39 13.50
C ASP D 148 12.84 -25.39 12.36
N SER D 149 12.14 -25.70 11.24
CA SER D 149 12.04 -24.80 10.07
C SER D 149 11.41 -23.48 10.49
N ALA D 150 10.45 -23.52 11.43
CA ALA D 150 9.81 -22.32 11.97
C ALA D 150 10.82 -21.60 12.84
N ARG D 151 11.42 -22.30 13.83
CA ARG D 151 12.41 -21.74 14.76
C ARG D 151 13.46 -20.94 14.00
N SER D 152 14.09 -21.56 12.96
CA SER D 152 15.11 -20.98 12.10
C SER D 152 14.62 -19.71 11.41
N ALA D 153 13.44 -19.83 10.78
CA ALA D 153 12.76 -18.75 10.06
C ALA D 153 12.41 -17.58 10.97
N TYR D 154 11.98 -17.84 12.22
CA TYR D 154 11.65 -16.79 13.18
C TYR D 154 12.91 -16.15 13.70
N GLN D 155 13.95 -16.97 14.02
CA GLN D 155 15.26 -16.55 14.55
C GLN D 155 16.03 -15.70 13.55
N GLU D 156 16.06 -16.10 12.26
CA GLU D 156 16.72 -15.37 11.18
C GLU D 156 16.07 -13.98 11.08
N ALA D 157 14.70 -13.91 11.12
CA ALA D 157 13.90 -12.68 11.10
C ALA D 157 14.20 -11.83 12.34
N MET D 158 14.32 -12.48 13.53
CA MET D 158 14.62 -11.84 14.81
C MET D 158 15.93 -11.08 14.73
N ASP D 159 16.97 -11.76 14.21
CA ASP D 159 18.31 -11.22 14.04
C ASP D 159 18.31 -9.94 13.20
N ILE D 160 17.57 -9.95 12.08
CA ILE D 160 17.44 -8.79 11.22
C ILE D 160 16.66 -7.69 11.91
N SER D 161 15.50 -8.02 12.50
CA SER D 161 14.65 -7.02 13.19
C SER D 161 15.37 -6.36 14.36
N LYS D 162 16.20 -7.12 15.10
CA LYS D 162 16.92 -6.59 16.25
C LYS D 162 18.09 -5.68 15.84
N LYS D 163 18.65 -5.88 14.63
CA LYS D 163 19.73 -5.03 14.14
C LYS D 163 19.15 -3.79 13.48
N GLU D 164 18.47 -3.97 12.33
CA GLU D 164 17.91 -2.96 11.44
C GLU D 164 16.65 -2.20 11.90
N MET D 165 15.88 -2.73 12.88
CA MET D 165 14.63 -2.07 13.26
C MET D 165 14.56 -1.58 14.71
N PRO D 166 13.76 -0.52 15.00
CA PRO D 166 13.60 -0.09 16.40
C PRO D 166 12.62 -1.04 17.12
N PRO D 167 12.65 -1.15 18.47
CA PRO D 167 11.71 -2.07 19.16
C PRO D 167 10.22 -1.74 19.01
N THR D 168 9.90 -0.54 18.47
CA THR D 168 8.53 -0.09 18.23
C THR D 168 8.02 -0.45 16.84
N ASN D 169 8.89 -0.98 15.97
CA ASN D 169 8.50 -1.35 14.61
C ASN D 169 7.39 -2.41 14.66
N PRO D 170 6.20 -2.14 14.06
CA PRO D 170 5.11 -3.14 14.09
C PRO D 170 5.47 -4.50 13.51
N ILE D 171 6.37 -4.55 12.51
CA ILE D 171 6.83 -5.79 11.90
C ILE D 171 7.69 -6.54 12.92
N ARG D 172 8.59 -5.82 13.63
CA ARG D 172 9.44 -6.39 14.69
C ARG D 172 8.54 -6.91 15.83
N LEU D 173 7.57 -6.07 16.27
CA LEU D 173 6.61 -6.36 17.32
C LEU D 173 5.78 -7.60 17.00
N GLY D 174 5.21 -7.64 15.79
CA GLY D 174 4.39 -8.74 15.30
C GLY D 174 5.15 -10.04 15.29
N LEU D 175 6.39 -10.00 14.79
CA LEU D 175 7.28 -11.16 14.71
C LEU D 175 7.54 -11.74 16.10
N ALA D 176 7.94 -10.88 17.06
CA ALA D 176 8.23 -11.28 18.43
C ALA D 176 7.01 -11.90 19.10
N LEU D 177 5.79 -11.32 18.85
CA LEU D 177 4.51 -11.80 19.36
C LEU D 177 4.29 -13.23 18.88
N ASN D 178 4.43 -13.48 17.55
CA ASN D 178 4.24 -14.80 16.95
C ASN D 178 5.32 -15.79 17.37
N PHE D 179 6.55 -15.32 17.58
CA PHE D 179 7.67 -16.15 18.05
C PHE D 179 7.46 -16.57 19.51
N SER D 180 6.91 -15.68 20.35
CA SER D 180 6.60 -16.02 21.73
C SER D 180 5.48 -17.06 21.74
N VAL D 181 4.47 -16.89 20.85
CA VAL D 181 3.35 -17.83 20.67
C VAL D 181 3.97 -19.19 20.26
N PHE D 182 4.97 -19.18 19.35
CA PHE D 182 5.73 -20.35 18.92
C PHE D 182 6.40 -21.04 20.13
N HIS D 183 7.01 -20.25 21.02
CA HIS D 183 7.65 -20.83 22.20
C HIS D 183 6.62 -21.42 23.15
N TYR D 184 5.50 -20.71 23.40
CA TYR D 184 4.48 -21.19 24.33
C TYR D 184 3.76 -22.44 23.83
N GLU D 185 3.08 -22.31 22.68
CA GLU D 185 2.28 -23.35 22.06
C GLU D 185 3.10 -24.51 21.51
N ILE D 186 3.83 -24.26 20.42
CA ILE D 186 4.58 -25.23 19.63
C ILE D 186 5.79 -25.85 20.35
N ALA D 187 6.77 -25.02 20.76
CA ALA D 187 7.99 -25.46 21.41
C ALA D 187 7.81 -25.92 22.86
N ASN D 188 6.64 -25.61 23.46
CA ASN D 188 6.31 -25.90 24.86
C ASN D 188 7.39 -25.34 25.83
N SER D 189 7.77 -24.08 25.61
CA SER D 189 8.72 -23.33 26.40
C SER D 189 8.01 -22.06 26.94
N PRO D 190 7.13 -22.21 27.96
CA PRO D 190 6.39 -21.04 28.47
C PRO D 190 7.27 -19.95 29.07
N GLU D 191 8.39 -20.35 29.70
CA GLU D 191 9.37 -19.45 30.32
C GLU D 191 9.99 -18.52 29.26
N GLU D 192 10.46 -19.12 28.14
CA GLU D 192 11.06 -18.45 26.99
C GLU D 192 10.03 -17.52 26.35
N ALA D 193 8.76 -17.99 26.26
CA ALA D 193 7.62 -17.27 25.69
C ALA D 193 7.28 -16.03 26.48
N ILE D 194 7.10 -16.20 27.81
CA ILE D 194 6.78 -15.11 28.74
C ILE D 194 7.87 -14.04 28.69
N SER D 195 9.15 -14.46 28.78
CA SER D 195 10.31 -13.56 28.72
C SER D 195 10.34 -12.75 27.42
N LEU D 196 10.17 -13.42 26.24
CA LEU D 196 10.17 -12.77 24.94
C LEU D 196 9.09 -11.71 24.87
N ALA D 197 7.86 -12.08 25.22
CA ALA D 197 6.71 -11.18 25.27
C ALA D 197 6.96 -10.00 26.22
N LYS D 198 7.47 -10.27 27.46
CA LYS D 198 7.81 -9.25 28.47
C LYS D 198 8.81 -8.26 27.86
N THR D 199 10.03 -8.74 27.51
CA THR D 199 11.12 -7.96 26.90
C THR D 199 10.59 -7.10 25.74
N THR D 200 9.91 -7.73 24.76
CA THR D 200 9.33 -7.08 23.59
C THR D 200 8.47 -5.89 23.97
N PHE D 201 7.46 -6.12 24.84
CA PHE D 201 6.54 -5.08 25.31
C PHE D 201 7.27 -3.97 26.03
N ASP D 202 8.09 -4.34 27.06
CA ASP D 202 8.85 -3.40 27.89
C ASP D 202 9.78 -2.51 27.06
N GLU D 203 10.43 -3.10 26.03
CA GLU D 203 11.33 -2.37 25.13
C GLU D 203 10.61 -1.42 24.18
N ALA D 204 9.43 -1.81 23.69
CA ALA D 204 8.64 -0.95 22.82
C ALA D 204 8.03 0.19 23.65
N MET D 205 7.67 -0.09 24.93
CA MET D 205 7.10 0.91 25.85
C MET D 205 8.11 2.04 26.14
N ALA D 206 9.40 1.67 26.28
CA ALA D 206 10.52 2.57 26.52
C ALA D 206 10.84 3.53 25.35
N ASP D 207 10.20 3.31 24.18
CA ASP D 207 10.41 4.07 22.95
C ASP D 207 9.12 4.63 22.34
N LEU D 208 7.98 4.48 23.02
CA LEU D 208 6.69 4.96 22.50
C LEU D 208 6.65 6.46 22.20
N HIS D 209 7.42 7.24 22.97
CA HIS D 209 7.55 8.70 22.86
C HIS D 209 8.00 9.18 21.46
N THR D 210 8.87 8.41 20.78
CA THR D 210 9.40 8.73 19.44
C THR D 210 8.35 8.50 18.34
N SER D 212 4.92 7.01 16.25
CA SER D 212 4.57 8.32 15.63
C SER D 212 3.05 8.40 15.42
N GLU D 213 2.62 9.15 14.41
CA GLU D 213 1.18 9.32 14.10
C GLU D 213 0.58 7.96 13.72
N ASP D 214 0.93 7.45 12.54
CA ASP D 214 0.42 6.13 12.07
C ASP D 214 1.23 5.00 12.73
N SER D 215 2.53 5.23 12.93
CA SER D 215 3.42 4.21 13.56
C SER D 215 2.90 3.87 14.96
N TYR D 216 2.41 4.88 15.69
CA TYR D 216 1.88 4.68 17.04
C TYR D 216 0.66 3.76 17.08
N LYS D 217 -0.32 4.01 16.20
CA LYS D 217 -1.55 3.21 16.10
C LYS D 217 -1.25 1.72 15.88
N ASP D 218 -0.42 1.39 14.87
CA ASP D 218 -0.03 0.02 14.52
C ASP D 218 0.77 -0.67 15.60
N SER D 219 1.68 0.07 16.26
CA SER D 219 2.56 -0.43 17.32
C SER D 219 1.82 -0.79 18.63
N THR D 220 0.94 0.12 19.13
CA THR D 220 0.13 -0.03 20.36
C THR D 220 -0.91 -1.14 20.23
N LEU D 221 -1.25 -1.49 18.99
CA LEU D 221 -2.17 -2.58 18.61
C LEU D 221 -1.53 -3.91 19.04
N ILE D 222 -0.30 -4.18 18.54
CA ILE D 222 0.49 -5.39 18.80
C ILE D 222 0.90 -5.45 20.25
N MET D 223 1.24 -4.30 20.85
CA MET D 223 1.62 -4.18 22.27
C MET D 223 0.48 -4.61 23.19
N GLN D 224 -0.77 -4.39 22.75
CA GLN D 224 -1.92 -4.84 23.51
C GLN D 224 -2.07 -6.36 23.38
N LEU D 225 -1.74 -6.92 22.19
CA LEU D 225 -1.77 -8.38 21.96
C LEU D 225 -0.73 -9.08 22.85
N LEU D 226 0.49 -8.50 22.95
CA LEU D 226 1.60 -8.97 23.78
C LEU D 226 1.22 -8.87 25.27
N ARG D 227 0.49 -7.81 25.68
CA ARG D 227 0.01 -7.62 27.06
C ARG D 227 -1.08 -8.62 27.39
N ASP D 228 -2.02 -8.85 26.45
CA ASP D 228 -3.12 -9.81 26.61
C ASP D 228 -2.59 -11.22 26.78
N ASN D 229 -1.56 -11.59 25.99
CA ASN D 229 -0.88 -12.88 26.05
C ASN D 229 -0.18 -13.05 27.38
N LEU D 230 0.55 -12.01 27.83
CA LEU D 230 1.28 -12.01 29.11
C LEU D 230 0.33 -12.22 30.28
N THR D 231 -0.84 -11.53 30.25
CA THR D 231 -1.90 -11.63 31.25
C THR D 231 -2.43 -13.07 31.33
N LEU D 232 -2.68 -13.68 30.15
CA LEU D 232 -3.17 -15.04 29.96
C LEU D 232 -2.15 -16.06 30.46
N TRP D 233 -0.88 -15.93 30.04
CA TRP D 233 0.20 -16.86 30.35
C TRP D 233 0.70 -16.80 31.78
N THR D 234 0.74 -15.60 32.39
CA THR D 234 1.22 -15.43 33.77
C THR D 234 0.12 -15.43 34.82
N GLY D 235 -1.05 -14.88 34.47
CA GLY D 235 -2.20 -14.73 35.36
C GLY D 235 -2.54 -13.26 35.60
N SER D 236 -3.73 -12.99 36.18
CA SER D 236 -4.19 -11.65 36.52
C SER D 236 -5.21 -11.62 37.67
N ARG E 6 -31.53 -3.00 3.46
CA ARG E 6 -31.87 -4.07 2.52
C ARG E 6 -32.99 -4.96 3.08
N ARG E 7 -33.94 -5.34 2.19
CA ARG E 7 -35.12 -6.13 2.52
C ARG E 7 -34.78 -7.45 3.24
N ASN E 8 -35.60 -7.78 4.23
CA ASN E 8 -35.48 -8.95 5.09
C ASN E 8 -35.97 -10.22 4.36
N SEP E 9 -35.16 -11.30 4.32
CA SEP E 9 -35.51 -12.54 3.63
CB SEP E 9 -34.44 -12.76 2.53
OG SEP E 9 -34.64 -13.83 1.56
C SEP E 9 -35.43 -13.75 4.57
O SEP E 9 -34.67 -13.73 5.54
P SEP E 9 -33.32 -14.56 1.14
O1P SEP E 9 -33.57 -16.05 1.40
O2P SEP E 9 -32.01 -14.12 1.79
O3P SEP E 9 -33.22 -14.34 -0.34
N GLY E 10 -36.18 -14.79 4.22
CA GLY E 10 -36.25 -16.05 4.94
C GLY E 10 -34.91 -16.77 5.14
N CYS E 11 -34.91 -17.73 6.09
CA CYS E 11 -33.76 -18.53 6.51
C CYS E 11 -34.08 -20.03 6.56
N LEU F 5 -10.14 -15.56 25.45
CA LEU F 5 -9.64 -16.71 26.21
C LEU F 5 -8.58 -17.53 25.43
N ARG F 6 -8.54 -17.40 24.08
CA ARG F 6 -7.53 -18.07 23.24
C ARG F 6 -6.44 -17.06 22.91
N ARG F 7 -5.15 -17.50 22.98
CA ARG F 7 -3.96 -16.68 22.75
C ARG F 7 -4.01 -15.89 21.42
N ASN F 8 -3.56 -14.64 21.46
CA ASN F 8 -3.53 -13.71 20.35
C ASN F 8 -2.36 -13.94 19.42
N SEP F 9 -2.56 -13.67 18.13
CA SEP F 9 -1.48 -13.76 17.16
CB SEP F 9 -1.20 -15.11 16.56
OG SEP F 9 -2.39 -15.87 16.29
C SEP F 9 -1.62 -12.64 16.12
O SEP F 9 -2.72 -12.07 15.93
P SEP F 9 -2.26 -16.65 14.99
O1P SEP F 9 -3.72 -16.93 14.62
O2P SEP F 9 -1.34 -15.97 13.96
O3P SEP F 9 -1.51 -17.90 15.21
N GLY F 10 -0.48 -12.33 15.49
CA GLY F 10 -0.30 -11.28 14.49
C GLY F 10 -1.26 -11.30 13.32
N CYS F 11 -2.11 -10.25 13.23
CA CYS F 11 -3.13 -10.01 12.20
C CYS F 11 -2.54 -9.85 10.75
N LEU G 5 30.88 31.22 -0.20
CA LEU G 5 31.30 31.50 1.17
C LEU G 5 31.29 30.24 2.09
N ARG G 6 30.80 29.09 1.59
CA ARG G 6 30.86 27.82 2.34
C ARG G 6 32.06 27.02 1.82
N ARG G 7 32.81 26.35 2.72
CA ARG G 7 34.02 25.58 2.36
C ARG G 7 33.73 24.46 1.36
N ASN G 8 34.63 24.27 0.39
CA ASN G 8 34.48 23.27 -0.67
C ASN G 8 34.92 21.90 -0.20
N SEP G 9 34.24 20.83 -0.70
CA SEP G 9 34.67 19.47 -0.39
CB SEP G 9 34.13 18.92 0.93
OG SEP G 9 32.79 19.10 0.98
C SEP G 9 34.23 18.66 -1.65
O SEP G 9 34.01 19.23 -2.71
P SEP G 9 31.97 17.85 1.36
O1P SEP G 9 31.79 17.66 2.84
O2P SEP G 9 30.52 18.19 0.91
O3P SEP G 9 32.61 16.50 0.83
N GLY G 10 34.17 17.32 -1.51
CA GLY G 10 33.85 16.40 -2.58
C GLY G 10 32.79 16.78 -3.61
N CYS G 11 33.13 16.57 -4.91
CA CYS G 11 32.23 16.85 -6.02
C CYS G 11 31.41 15.62 -6.33
N SER H 4 10.58 28.18 -28.71
CA SER H 4 9.79 26.99 -28.42
C SER H 4 10.36 26.09 -27.27
N LEU H 5 9.95 26.33 -25.98
CA LEU H 5 10.37 25.50 -24.82
C LEU H 5 9.09 24.92 -24.14
N ARG H 6 9.23 24.13 -23.04
CA ARG H 6 8.09 23.55 -22.31
C ARG H 6 6.96 24.45 -21.83
N ARG H 7 5.70 24.05 -22.10
CA ARG H 7 4.50 24.82 -21.74
C ARG H 7 4.44 25.14 -20.24
N ASN H 8 3.96 26.34 -19.89
CA ASN H 8 3.86 26.79 -18.50
C ASN H 8 2.57 26.28 -17.81
N SEP H 9 2.65 25.91 -16.52
CA SEP H 9 1.48 25.51 -15.74
CB SEP H 9 1.01 24.06 -15.99
OG SEP H 9 2.07 23.10 -15.67
C SEP H 9 1.66 25.79 -14.24
O SEP H 9 1.69 26.94 -13.83
P SEP H 9 1.88 21.98 -14.61
O1P SEP H 9 1.09 22.50 -13.32
O2P SEP H 9 3.35 21.56 -14.20
O3P SEP H 9 1.29 20.79 -15.26
#